data_6A2A
#
_entry.id   6A2A
#
_cell.length_a   133.006
_cell.length_b   133.006
_cell.length_c   142.604
_cell.angle_alpha   90.000
_cell.angle_beta   90.000
_cell.angle_gamma   90.000
#
_symmetry.space_group_name_H-M   'P 43 21 2'
#
loop_
_entity.id
_entity.type
_entity.pdbx_description
1 polymer 'Sesquisabinene B synthase 2'
2 water water
#
_entity_poly.entity_id   1
_entity_poly.type   'polypeptide(L)'
_entity_poly.pdbx_seq_one_letter_code
;MASVIVEPIRCNNDNDVISTVVDDSSVVRRAANYPPNLWDYEFLQSLGDQCTVEEKHLKLADKLKEEVKSLIKQTMEPLT
KLEFIDTVRRLGLKYQFETEVKEAVVMVSKYENDAWWIDNLHATSLRFRIMRENGIFVPQDVFERFKDTDGFKNQLCEDV
KGLLSLYEASFLGWEGEDILDEARTFATSKLKSIEGKIPSPSLAKKVSHALDLPLHWRTIRYEARWFIDTYEEEEDVNLT
LLRYAKLDFNIVQSFHQKEIGRLSRWWVGTGLDKMPFARNGLIQSYMYAIGMLFEPNLGEVREMEAKVGALITTIDDVYD
VYGTMEELELFTDITNRWDISKADQLPRNIRMPLLTMFNTSNDIGYWALKERGFNGIPCTAKVWSDQLKSYTKEAKWFHE
GHKPTLEEYLDNALVSIGFPNLLVTSYLLTVENPTKEKLDYVNSLPLFVRASCILCRIINDLGTSPDEMERGDNLKSIQC
YMNEAGASQEVAREHIEGLVRMWWKRLNKCLFEPSPFAEPFLSFTVNVVRGSHFFYQYGDGYGNAESWTKKQGMSVLIHP
IPLNEE
;
_entity_poly.pdbx_strand_id   A,B
#
# COMPACT_ATOMS: atom_id res chain seq x y z
N ALA A 32 -13.75 -12.73 6.17
CA ALA A 32 -14.21 -11.93 7.34
C ALA A 32 -13.39 -12.27 8.57
N ASN A 33 -13.59 -11.47 9.59
CA ASN A 33 -12.83 -11.57 10.82
C ASN A 33 -13.75 -12.13 11.89
N TYR A 34 -13.15 -12.75 12.91
CA TYR A 34 -13.88 -13.11 14.09
C TYR A 34 -13.01 -12.74 15.28
N PRO A 35 -13.54 -12.03 16.28
CA PRO A 35 -14.91 -11.49 16.31
C PRO A 35 -15.15 -10.47 15.18
N PRO A 36 -16.37 -10.29 14.75
CA PRO A 36 -16.58 -9.40 13.63
C PRO A 36 -16.36 -7.93 13.90
N ASN A 37 -15.87 -7.22 12.91
CA ASN A 37 -15.71 -5.81 13.06
C ASN A 37 -17.00 -5.12 12.67
N LEU A 38 -17.03 -3.80 12.78
CA LEU A 38 -18.24 -3.04 12.46
C LEU A 38 -18.72 -3.27 11.05
N TRP A 39 -17.79 -3.33 10.12
CA TRP A 39 -18.03 -3.61 8.73
C TRP A 39 -16.92 -4.57 8.29
N ASP A 40 -17.22 -5.45 7.37
CA ASP A 40 -16.23 -6.34 6.89
C ASP A 40 -15.34 -5.58 5.92
N TYR A 41 -14.07 -5.92 5.83
CA TYR A 41 -13.17 -5.18 4.95
C TYR A 41 -13.46 -5.17 3.45
N GLU A 42 -14.07 -6.23 2.92
CA GLU A 42 -14.37 -6.28 1.47
C GLU A 42 -15.51 -5.30 1.21
N PHE A 43 -16.43 -5.18 2.17
CA PHE A 43 -17.47 -4.19 2.05
C PHE A 43 -16.84 -2.78 1.96
N LEU A 44 -15.84 -2.54 2.79
CA LEU A 44 -15.30 -1.19 2.94
C LEU A 44 -14.57 -0.81 1.65
N GLN A 45 -13.97 -1.83 1.05
CA GLN A 45 -13.29 -1.71 -0.20
C GLN A 45 -14.31 -1.53 -1.33
N SER A 46 -15.51 -2.05 -1.17
CA SER A 46 -16.52 -1.99 -2.25
C SER A 46 -17.04 -0.56 -2.41
N LEU A 47 -16.96 0.26 -1.34
CA LEU A 47 -17.65 1.55 -1.25
C LEU A 47 -17.14 2.53 -2.32
N GLY A 48 -15.83 2.59 -2.55
CA GLY A 48 -15.25 3.46 -3.60
C GLY A 48 -16.12 3.54 -4.86
N ASP A 49 -16.46 2.40 -5.44
CA ASP A 49 -17.23 2.37 -6.72
C ASP A 49 -18.75 2.23 -6.60
N GLN A 50 -19.23 1.83 -5.42
CA GLN A 50 -20.67 1.78 -5.09
C GLN A 50 -21.29 3.19 -5.18
N CYS A 51 -20.53 4.21 -4.77
CA CYS A 51 -21.09 5.55 -4.48
C CYS A 51 -20.48 6.62 -5.39
N THR A 52 -19.92 6.20 -6.53
CA THR A 52 -19.32 7.15 -7.46
C THR A 52 -20.29 8.31 -7.69
N VAL A 53 -19.83 9.55 -7.49
CA VAL A 53 -20.66 10.75 -7.72
C VAL A 53 -20.72 11.00 -9.22
N GLU A 54 -21.91 11.04 -9.79
CA GLU A 54 -22.08 11.13 -11.26
C GLU A 54 -21.51 12.46 -11.76
N GLU A 55 -20.89 12.42 -12.94
CA GLU A 55 -20.22 13.59 -13.57
C GLU A 55 -21.15 14.81 -13.58
N LYS A 56 -22.46 14.58 -13.72
CA LYS A 56 -23.39 15.69 -13.82
C LYS A 56 -23.55 16.36 -12.45
N HIS A 57 -23.37 15.59 -11.37
CA HIS A 57 -23.38 16.14 -10.01
C HIS A 57 -22.08 16.92 -9.75
N LEU A 58 -20.93 16.45 -10.23
CA LEU A 58 -19.66 17.22 -10.14
C LEU A 58 -19.79 18.63 -10.74
N LYS A 59 -20.40 18.72 -11.92
CA LYS A 59 -20.55 20.00 -12.62
C LYS A 59 -21.57 20.86 -11.86
N LEU A 60 -22.66 20.27 -11.38
CA LEU A 60 -23.64 21.00 -10.56
C LEU A 60 -22.97 21.53 -9.28
N ALA A 61 -22.06 20.76 -8.70
CA ALA A 61 -21.36 21.22 -7.48
C ALA A 61 -20.53 22.48 -7.75
N ASP A 62 -19.80 22.51 -8.85
CA ASP A 62 -19.00 23.73 -9.16
C ASP A 62 -19.93 24.94 -9.37
N LYS A 63 -21.08 24.68 -9.99
CA LYS A 63 -22.05 25.73 -10.31
C LYS A 63 -22.65 26.24 -9.00
N LEU A 64 -23.09 25.32 -8.16
CA LEU A 64 -23.66 25.73 -6.88
C LEU A 64 -22.61 26.38 -5.98
N LYS A 65 -21.33 26.00 -6.07
CA LYS A 65 -20.30 26.65 -5.23
C LYS A 65 -20.26 28.14 -5.55
N GLU A 66 -20.27 28.47 -6.82
CA GLU A 66 -20.18 29.86 -7.21
C GLU A 66 -21.43 30.61 -6.76
N GLU A 67 -22.61 29.99 -6.81
CA GLU A 67 -23.83 30.62 -6.32
C GLU A 67 -23.71 30.87 -4.82
N VAL A 68 -23.09 29.96 -4.06
CA VAL A 68 -22.99 30.16 -2.63
C VAL A 68 -21.94 31.25 -2.33
N LYS A 69 -20.87 31.32 -3.09
CA LYS A 69 -19.91 32.39 -2.91
C LYS A 69 -20.63 33.74 -3.05
N SER A 70 -21.44 33.82 -4.08
CA SER A 70 -22.19 35.04 -4.37
C SER A 70 -23.03 35.44 -3.16
N LEU A 71 -23.72 34.44 -2.57
CA LEU A 71 -24.56 34.65 -1.39
C LEU A 71 -23.71 35.15 -0.22
N ILE A 72 -22.55 34.55 0.02
CA ILE A 72 -21.72 34.98 1.13
C ILE A 72 -21.29 36.44 0.89
N LYS A 73 -21.09 36.80 -0.36
CA LYS A 73 -20.59 38.15 -0.73
C LYS A 73 -21.73 39.17 -0.77
N GLN A 74 -22.96 38.72 -0.97
CA GLN A 74 -24.12 39.62 -1.21
C GLN A 74 -24.42 40.48 0.03
N THR A 75 -24.86 41.72 -0.18
CA THR A 75 -25.25 42.57 0.92
C THR A 75 -26.45 41.96 1.63
N MET A 76 -26.31 41.85 2.95
CA MET A 76 -27.35 41.44 3.85
C MET A 76 -27.31 42.35 5.05
N GLU A 77 -28.39 42.41 5.84
CA GLU A 77 -28.29 42.98 7.16
C GLU A 77 -27.21 42.20 7.93
N PRO A 78 -26.50 42.88 8.84
CA PRO A 78 -25.33 42.27 9.50
C PRO A 78 -25.67 41.01 10.31
N LEU A 79 -26.77 41.04 11.06
CA LEU A 79 -27.13 39.82 11.81
C LEU A 79 -27.39 38.68 10.82
N THR A 80 -28.06 38.98 9.71
CA THR A 80 -28.44 37.99 8.75
C THR A 80 -27.16 37.41 8.13
N LYS A 81 -26.16 38.26 7.86
CA LYS A 81 -24.93 37.77 7.29
C LYS A 81 -24.21 36.88 8.33
N LEU A 82 -24.21 37.24 9.60
CA LEU A 82 -23.50 36.37 10.59
C LEU A 82 -24.21 35.02 10.64
N GLU A 83 -25.54 35.04 10.61
CA GLU A 83 -26.30 33.83 10.69
C GLU A 83 -25.99 32.96 9.47
N PHE A 84 -25.81 33.54 8.27
CA PHE A 84 -25.59 32.80 7.11
C PHE A 84 -24.19 32.14 7.15
N ILE A 85 -23.17 32.90 7.56
CA ILE A 85 -21.80 32.32 7.59
C ILE A 85 -21.68 31.32 8.77
N ASP A 86 -22.45 31.48 9.83
CA ASP A 86 -22.55 30.45 10.92
C ASP A 86 -23.12 29.17 10.34
N THR A 87 -24.16 29.27 9.50
CA THR A 87 -24.76 28.13 8.78
C THR A 87 -23.78 27.46 7.82
N VAL A 88 -23.03 28.25 7.09
CA VAL A 88 -22.03 27.72 6.17
C VAL A 88 -21.02 26.86 6.94
N ARG A 89 -20.56 27.38 8.05
CA ARG A 89 -19.58 26.69 8.88
C ARG A 89 -20.14 25.40 9.41
N ARG A 90 -21.38 25.49 9.86
CA ARG A 90 -22.05 24.40 10.50
C ARG A 90 -22.43 23.25 9.56
N LEU A 91 -22.57 23.59 8.29
CA LEU A 91 -22.79 22.66 7.25
C LEU A 91 -21.47 21.96 6.79
N GLY A 92 -20.33 22.36 7.35
CA GLY A 92 -19.04 21.80 7.04
C GLY A 92 -18.40 22.37 5.81
N LEU A 93 -18.80 23.59 5.45
CA LEU A 93 -18.34 24.20 4.23
C LEU A 93 -17.37 25.35 4.33
N LYS A 94 -17.02 25.75 5.52
CA LYS A 94 -16.09 26.88 5.64
C LYS A 94 -14.82 26.63 4.80
N TYR A 95 -14.34 25.37 4.71
CA TYR A 95 -13.07 25.09 4.00
C TYR A 95 -13.19 25.43 2.51
N GLN A 96 -14.41 25.47 1.97
CA GLN A 96 -14.61 25.88 0.58
C GLN A 96 -14.74 27.41 0.42
N PHE A 97 -14.89 28.19 1.47
CA PHE A 97 -15.27 29.62 1.36
C PHE A 97 -14.43 30.42 2.35
N GLU A 98 -13.15 30.06 2.55
CA GLU A 98 -12.41 30.65 3.65
C GLU A 98 -12.23 32.17 3.44
N THR A 99 -11.86 32.55 2.24
CA THR A 99 -11.65 33.97 1.88
C THR A 99 -12.96 34.74 2.08
N GLU A 100 -14.03 34.25 1.51
CA GLU A 100 -15.29 34.99 1.50
C GLU A 100 -15.86 35.07 2.92
N VAL A 101 -15.76 33.98 3.72
CA VAL A 101 -16.31 34.02 5.07
C VAL A 101 -15.53 35.03 5.90
N LYS A 102 -14.19 35.04 5.76
CA LYS A 102 -13.41 35.91 6.58
C LYS A 102 -13.75 37.37 6.21
N GLU A 103 -13.87 37.61 4.92
CA GLU A 103 -14.14 38.94 4.38
C GLU A 103 -15.52 39.38 4.84
N ALA A 104 -16.48 38.46 4.88
CA ALA A 104 -17.78 38.80 5.45
C ALA A 104 -17.65 39.18 6.92
N VAL A 105 -16.86 38.44 7.72
CA VAL A 105 -16.75 38.68 9.14
C VAL A 105 -16.10 40.04 9.41
N VAL A 106 -15.06 40.32 8.64
CA VAL A 106 -14.34 41.61 8.76
C VAL A 106 -15.32 42.76 8.48
N MET A 107 -15.98 42.69 7.35
CA MET A 107 -17.11 43.65 6.99
C MET A 107 -18.04 43.86 8.17
N VAL A 108 -18.61 42.78 8.75
CA VAL A 108 -19.46 42.96 9.88
C VAL A 108 -18.68 43.64 11.01
N SER A 109 -17.37 43.39 11.16
CA SER A 109 -16.71 44.01 12.32
C SER A 109 -16.59 45.54 12.08
N LYS A 110 -16.71 45.95 10.84
CA LYS A 110 -16.54 47.37 10.39
C LYS A 110 -17.88 48.10 10.24
N TYR A 111 -19.01 47.39 10.30
CA TYR A 111 -20.33 48.02 10.28
C TYR A 111 -20.42 49.03 11.41
N GLU A 112 -20.73 50.28 11.09
CA GLU A 112 -20.41 51.38 12.01
C GLU A 112 -21.48 51.48 13.11
N ASN A 113 -22.74 51.24 12.76
CA ASN A 113 -23.80 51.42 13.73
C ASN A 113 -24.05 50.07 14.43
N ASP A 114 -24.02 50.07 15.75
CA ASP A 114 -24.15 48.87 16.55
C ASP A 114 -25.60 48.60 17.00
N ALA A 115 -26.58 49.39 16.53
CA ALA A 115 -27.95 49.21 17.04
C ALA A 115 -28.50 47.82 16.66
N TRP A 116 -27.99 47.22 15.61
CA TRP A 116 -28.46 45.88 15.25
C TRP A 116 -28.12 44.80 16.32
N TRP A 117 -27.14 44.99 17.21
CA TRP A 117 -26.92 43.93 18.19
C TRP A 117 -27.08 44.37 19.64
N ILE A 118 -26.89 45.63 19.93
CA ILE A 118 -26.98 46.09 21.29
C ILE A 118 -28.35 45.73 21.87
N ASP A 119 -28.38 45.24 23.10
CA ASP A 119 -29.64 44.85 23.77
C ASP A 119 -30.39 43.65 23.15
N ASN A 120 -29.78 43.01 22.18
CA ASN A 120 -30.27 41.78 21.59
C ASN A 120 -29.36 40.61 22.00
N LEU A 121 -29.81 39.72 22.88
CA LEU A 121 -28.93 38.68 23.45
C LEU A 121 -28.43 37.74 22.35
N HIS A 122 -29.32 37.30 21.44
CA HIS A 122 -28.89 36.45 20.34
C HIS A 122 -27.80 37.11 19.48
N ALA A 123 -28.04 38.33 19.01
CA ALA A 123 -27.14 38.98 18.12
C ALA A 123 -25.81 39.30 18.79
N THR A 124 -25.87 39.69 20.03
CA THR A 124 -24.70 40.06 20.77
C THR A 124 -23.80 38.83 20.91
N SER A 125 -24.44 37.73 21.24
CA SER A 125 -23.79 36.43 21.54
C SER A 125 -23.18 35.90 20.26
N LEU A 126 -24.00 35.77 19.21
CA LEU A 126 -23.53 35.33 17.91
C LEU A 126 -22.35 36.21 17.43
N ARG A 127 -22.48 37.52 17.53
CA ARG A 127 -21.40 38.36 17.09
C ARG A 127 -20.12 38.07 17.90
N PHE A 128 -20.26 38.01 19.21
CA PHE A 128 -19.16 37.70 20.11
C PHE A 128 -18.46 36.42 19.65
N ARG A 129 -19.28 35.41 19.38
CA ARG A 129 -18.68 34.10 19.03
C ARG A 129 -18.00 34.13 17.66
N ILE A 130 -18.66 34.63 16.61
CA ILE A 130 -18.16 34.57 15.27
C ILE A 130 -16.89 35.43 15.20
N MET A 131 -16.94 36.59 15.82
CA MET A 131 -15.72 37.46 15.87
C MET A 131 -14.54 36.69 16.50
N ARG A 132 -14.71 36.12 17.67
CA ARG A 132 -13.61 35.44 18.35
C ARG A 132 -13.17 34.18 17.59
N GLU A 133 -14.10 33.42 17.02
CA GLU A 133 -13.67 32.27 16.18
C GLU A 133 -12.75 32.74 15.05
N ASN A 134 -12.89 34.02 14.64
CA ASN A 134 -12.10 34.50 13.51
C ASN A 134 -10.97 35.43 13.95
N GLY A 135 -10.64 35.48 15.21
CA GLY A 135 -9.42 36.16 15.61
C GLY A 135 -9.63 37.65 15.84
N ILE A 136 -10.89 38.04 15.99
CA ILE A 136 -11.27 39.46 16.20
C ILE A 136 -11.85 39.56 17.60
N PHE A 137 -11.13 40.26 18.49
CA PHE A 137 -11.44 40.29 19.86
C PHE A 137 -12.72 41.09 20.12
N VAL A 138 -13.53 40.58 21.04
CA VAL A 138 -14.73 41.22 21.56
C VAL A 138 -14.65 41.00 23.03
N PRO A 139 -14.81 42.03 23.85
CA PRO A 139 -14.70 41.92 25.28
C PRO A 139 -15.91 41.23 25.91
N GLN A 140 -15.70 40.57 27.02
CA GLN A 140 -16.78 39.91 27.75
C GLN A 140 -17.77 40.96 28.25
N ASP A 141 -17.31 42.21 28.41
CA ASP A 141 -18.17 43.32 28.84
C ASP A 141 -19.44 43.54 27.99
N VAL A 142 -19.42 43.13 26.73
CA VAL A 142 -20.63 43.21 25.90
C VAL A 142 -21.83 42.51 26.57
N PHE A 143 -21.61 41.59 27.52
CA PHE A 143 -22.72 40.86 28.13
C PHE A 143 -23.20 41.58 29.39
N GLU A 144 -22.54 42.68 29.83
CA GLU A 144 -22.82 43.23 31.18
C GLU A 144 -24.28 43.72 31.26
N ARG A 145 -24.75 44.29 30.17
CA ARG A 145 -26.09 44.86 30.09
C ARG A 145 -27.21 43.87 30.20
N PHE A 146 -26.88 42.60 30.13
CA PHE A 146 -27.86 41.55 30.28
C PHE A 146 -27.89 41.07 31.72
N LYS A 147 -27.14 41.71 32.60
CA LYS A 147 -27.18 41.35 33.98
C LYS A 147 -27.64 42.53 34.82
N ASP A 148 -28.07 42.20 36.01
CA ASP A 148 -28.40 43.13 37.04
C ASP A 148 -27.50 42.83 38.25
N THR A 149 -27.74 43.47 39.37
CA THR A 149 -26.94 43.26 40.53
C THR A 149 -26.77 41.81 40.98
N ASP A 150 -27.76 40.97 40.82
CA ASP A 150 -27.64 39.59 41.20
C ASP A 150 -27.15 38.60 40.11
N GLY A 151 -26.90 39.07 38.90
CA GLY A 151 -26.45 38.21 37.81
C GLY A 151 -27.31 38.38 36.57
N PHE A 152 -27.34 37.34 35.72
CA PHE A 152 -28.03 37.49 34.48
C PHE A 152 -29.53 37.65 34.81
N LYS A 153 -30.20 38.39 34.00
CA LYS A 153 -31.63 38.77 34.28
C LYS A 153 -32.56 37.58 33.99
N ASN A 154 -33.34 37.21 34.98
CA ASN A 154 -34.14 36.00 34.92
C ASN A 154 -35.11 36.06 33.73
N GLN A 155 -35.45 37.25 33.30
CA GLN A 155 -36.42 37.40 32.24
C GLN A 155 -35.89 36.91 30.90
N LEU A 156 -34.56 36.76 30.76
CA LEU A 156 -34.02 36.29 29.54
C LEU A 156 -34.49 34.87 29.26
N CYS A 157 -34.97 34.16 30.25
CA CYS A 157 -35.51 32.80 30.03
C CYS A 157 -36.76 32.78 29.14
N GLU A 158 -37.26 33.92 28.68
CA GLU A 158 -38.45 34.00 27.83
C GLU A 158 -38.03 33.96 26.36
N ASP A 159 -36.72 33.90 26.06
CA ASP A 159 -36.19 33.92 24.71
C ASP A 159 -35.18 32.75 24.52
N VAL A 160 -35.66 31.57 24.13
CA VAL A 160 -34.76 30.37 24.09
C VAL A 160 -33.65 30.53 23.05
N LYS A 161 -33.91 31.11 21.88
CA LYS A 161 -32.90 31.27 20.87
C LYS A 161 -31.75 32.09 21.47
N GLY A 162 -32.10 33.15 22.18
CA GLY A 162 -31.11 34.00 22.92
C GLY A 162 -30.27 33.21 23.90
N LEU A 163 -30.91 32.42 24.74
CA LEU A 163 -30.23 31.61 25.71
C LEU A 163 -29.25 30.67 25.00
N LEU A 164 -29.69 29.99 23.94
CA LEU A 164 -28.82 29.00 23.25
C LEU A 164 -27.63 29.75 22.64
N SER A 165 -27.86 30.93 22.07
CA SER A 165 -26.70 31.63 21.48
C SER A 165 -25.71 32.07 22.57
N LEU A 166 -26.19 32.47 23.72
CA LEU A 166 -25.30 32.85 24.83
C LEU A 166 -24.49 31.65 25.31
N TYR A 167 -25.20 30.52 25.48
CA TYR A 167 -24.56 29.26 25.85
C TYR A 167 -23.42 28.99 24.88
N GLU A 168 -23.67 28.98 23.57
CA GLU A 168 -22.69 28.60 22.62
C GLU A 168 -21.51 29.59 22.64
N ALA A 169 -21.83 30.87 22.81
CA ALA A 169 -20.78 31.93 22.83
C ALA A 169 -19.83 31.81 24.02
N SER A 170 -20.32 31.37 25.13
CA SER A 170 -19.62 31.32 26.40
C SER A 170 -18.34 30.47 26.29
N PHE A 171 -18.35 29.54 25.36
CA PHE A 171 -17.25 28.54 25.21
C PHE A 171 -16.07 29.15 24.48
N LEU A 172 -16.23 30.36 24.00
CA LEU A 172 -15.13 31.07 23.34
C LEU A 172 -14.37 31.94 24.36
N GLY A 173 -14.74 31.84 25.61
CA GLY A 173 -14.15 32.60 26.70
C GLY A 173 -12.72 32.16 27.06
N TRP A 174 -12.05 33.07 27.76
CA TRP A 174 -10.65 32.90 28.24
C TRP A 174 -10.60 32.87 29.75
N GLU A 175 -9.43 32.53 30.32
CA GLU A 175 -9.34 32.57 31.75
C GLU A 175 -9.56 34.05 32.20
N GLY A 176 -9.96 34.21 33.42
CA GLY A 176 -10.24 35.56 34.00
C GLY A 176 -11.44 36.25 33.37
N GLU A 177 -12.24 35.59 32.52
CA GLU A 177 -13.42 36.26 31.96
C GLU A 177 -14.67 35.70 32.65
N ASP A 178 -14.89 36.24 33.84
CA ASP A 178 -15.84 35.76 34.79
C ASP A 178 -17.32 35.87 34.27
N ILE A 179 -17.56 36.80 33.39
CA ILE A 179 -18.94 37.03 32.92
C ILE A 179 -19.32 35.90 31.97
N LEU A 180 -18.30 35.36 31.28
CA LEU A 180 -18.60 34.24 30.39
C LEU A 180 -18.82 32.95 31.18
N ASP A 181 -18.13 32.76 32.32
CA ASP A 181 -18.42 31.64 33.19
C ASP A 181 -19.84 31.73 33.76
N GLU A 182 -20.22 32.95 34.14
CA GLU A 182 -21.58 33.18 34.67
C GLU A 182 -22.62 32.88 33.55
N ALA A 183 -22.32 33.31 32.32
CA ALA A 183 -23.20 33.10 31.16
C ALA A 183 -23.40 31.61 30.93
N ARG A 184 -22.31 30.86 31.00
CA ARG A 184 -22.41 29.41 30.84
C ARG A 184 -23.29 28.77 31.91
N THR A 185 -23.08 29.10 33.19
CA THR A 185 -23.83 28.52 34.27
C THR A 185 -25.32 28.90 34.12
N PHE A 186 -25.58 30.15 33.78
CA PHE A 186 -26.96 30.65 33.70
C PHE A 186 -27.67 29.98 32.52
N ALA A 187 -27.06 30.04 31.35
CA ALA A 187 -27.68 29.51 30.09
C ALA A 187 -27.87 28.00 30.20
N THR A 188 -26.88 27.28 30.76
CA THR A 188 -27.00 25.83 30.95
C THR A 188 -28.21 25.52 31.82
N SER A 189 -28.32 26.20 32.96
CA SER A 189 -29.36 25.94 33.92
C SER A 189 -30.73 26.22 33.29
N LYS A 190 -30.86 27.38 32.69
CA LYS A 190 -32.15 27.79 32.05
C LYS A 190 -32.52 26.85 30.91
N LEU A 191 -31.55 26.48 30.08
CA LEU A 191 -31.88 25.54 28.96
C LEU A 191 -32.25 24.17 29.53
N LYS A 192 -31.52 23.69 30.54
CA LYS A 192 -31.84 22.40 31.12
C LYS A 192 -33.25 22.39 31.67
N SER A 193 -33.75 23.52 32.17
CA SER A 193 -35.14 23.57 32.75
C SER A 193 -36.18 23.42 31.64
N ILE A 194 -35.74 23.13 30.40
CA ILE A 194 -36.67 22.96 29.25
C ILE A 194 -36.20 21.87 28.28
N GLU A 195 -35.05 21.22 28.49
CA GLU A 195 -34.52 20.26 27.53
C GLU A 195 -35.60 19.18 27.39
N GLY A 196 -35.89 18.77 26.16
CA GLY A 196 -36.80 17.65 25.95
C GLY A 196 -38.27 18.07 25.97
N LYS A 197 -38.58 19.29 26.46
CA LYS A 197 -39.99 19.74 26.61
C LYS A 197 -40.30 21.00 25.79
N ILE A 198 -39.51 21.30 24.71
CA ILE A 198 -39.63 22.53 23.92
C ILE A 198 -40.53 22.16 22.74
N PRO A 199 -41.62 22.92 22.57
CA PRO A 199 -42.69 22.49 21.61
C PRO A 199 -42.50 23.12 20.22
N SER A 200 -41.26 23.03 19.73
CA SER A 200 -40.79 23.75 18.55
C SER A 200 -39.57 22.99 18.03
N PRO A 201 -39.80 22.09 17.08
CA PRO A 201 -38.95 20.96 16.79
C PRO A 201 -37.49 21.37 16.53
N SER A 202 -37.22 22.39 15.71
CA SER A 202 -35.80 22.57 15.33
C SER A 202 -35.02 23.15 16.53
N LEU A 203 -35.62 24.07 17.26
CA LEU A 203 -34.98 24.59 18.42
C LEU A 203 -34.85 23.50 19.48
N ALA A 204 -35.84 22.65 19.67
CA ALA A 204 -35.75 21.54 20.64
C ALA A 204 -34.53 20.66 20.35
N LYS A 205 -34.36 20.36 19.08
CA LYS A 205 -33.26 19.50 18.65
C LYS A 205 -31.94 20.20 18.94
N LYS A 206 -31.84 21.44 18.53
CA LYS A 206 -30.58 22.18 18.67
C LYS A 206 -30.22 22.35 20.14
N VAL A 207 -31.21 22.53 21.03
CA VAL A 207 -30.90 22.77 22.44
C VAL A 207 -30.34 21.49 23.09
N SER A 208 -31.01 20.38 22.81
CA SER A 208 -30.63 19.10 23.33
C SER A 208 -29.21 18.74 22.88
N HIS A 209 -28.95 18.98 21.62
CA HIS A 209 -27.69 18.70 20.98
C HIS A 209 -26.62 19.55 21.65
N ALA A 210 -26.93 20.81 21.88
CA ALA A 210 -26.00 21.74 22.52
C ALA A 210 -25.70 21.38 23.96
N LEU A 211 -26.69 20.98 24.74
CA LEU A 211 -26.49 20.61 26.12
C LEU A 211 -25.61 19.35 26.23
N ASP A 212 -25.72 18.45 25.28
CA ASP A 212 -24.79 17.31 25.19
C ASP A 212 -23.37 17.77 24.95
N LEU A 213 -23.14 18.58 23.91
CA LEU A 213 -21.82 19.19 23.62
C LEU A 213 -22.03 20.53 22.93
N PRO A 214 -21.39 21.59 23.42
CA PRO A 214 -21.45 22.84 22.67
C PRO A 214 -20.84 22.75 21.27
N LEU A 215 -21.25 23.59 20.33
CA LEU A 215 -20.78 23.58 19.02
C LEU A 215 -19.24 23.65 18.99
N HIS A 216 -18.69 24.46 19.88
CA HIS A 216 -17.25 24.71 19.91
C HIS A 216 -16.50 23.41 20.20
N TRP A 217 -17.13 22.46 20.90
CA TRP A 217 -16.48 21.19 21.32
C TRP A 217 -16.76 20.04 20.34
N ARG A 218 -17.51 20.26 19.28
CA ARG A 218 -17.87 19.20 18.35
C ARG A 218 -16.92 19.19 17.15
N THR A 219 -16.88 18.07 16.47
CA THR A 219 -16.11 17.94 15.28
C THR A 219 -16.81 18.65 14.13
N ILE A 220 -16.02 19.06 13.21
CA ILE A 220 -16.61 19.73 11.97
C ILE A 220 -17.41 18.71 11.16
N ARG A 221 -16.83 17.55 10.89
CA ARG A 221 -17.36 16.69 9.84
C ARG A 221 -18.63 15.98 10.32
N TYR A 222 -18.62 15.47 11.55
CA TYR A 222 -19.78 14.78 12.08
C TYR A 222 -20.89 15.80 12.38
N GLU A 223 -20.53 17.02 12.78
CA GLU A 223 -21.54 18.07 12.96
C GLU A 223 -22.20 18.41 11.62
N ALA A 224 -21.44 18.40 10.56
CA ALA A 224 -21.98 18.77 9.24
C ALA A 224 -23.11 17.81 8.86
N ARG A 225 -22.89 16.53 9.08
CA ARG A 225 -23.92 15.57 8.69
C ARG A 225 -25.19 15.71 9.54
N TRP A 226 -25.04 15.95 10.83
CA TRP A 226 -26.19 16.17 11.70
C TRP A 226 -26.91 17.45 11.27
N PHE A 227 -26.14 18.52 11.07
CA PHE A 227 -26.76 19.83 10.81
C PHE A 227 -27.39 19.89 9.41
N ILE A 228 -26.93 19.11 8.45
CA ILE A 228 -27.61 19.09 7.13
C ILE A 228 -29.09 18.71 7.33
N ASP A 229 -29.35 17.70 8.15
CA ASP A 229 -30.72 17.31 8.49
C ASP A 229 -31.46 18.34 9.29
N THR A 230 -30.81 18.93 10.30
CA THR A 230 -31.45 19.94 11.13
C THR A 230 -31.78 21.17 10.29
N TYR A 231 -30.82 21.61 9.46
CA TYR A 231 -30.98 22.84 8.67
C TYR A 231 -32.19 22.75 7.73
N GLU A 232 -32.39 21.58 7.16
CA GLU A 232 -33.46 21.34 6.16
C GLU A 232 -34.81 21.62 6.80
N GLU A 233 -34.95 21.29 8.09
CA GLU A 233 -36.18 21.44 8.90
C GLU A 233 -36.35 22.86 9.48
N GLU A 234 -35.41 23.80 9.28
CA GLU A 234 -35.53 25.11 9.89
C GLU A 234 -36.35 26.03 8.98
N GLU A 235 -36.85 27.11 9.57
CA GLU A 235 -37.72 28.06 8.88
C GLU A 235 -36.95 28.88 7.84
N ASP A 236 -35.72 29.27 8.16
CA ASP A 236 -34.93 30.13 7.26
C ASP A 236 -33.98 29.40 6.30
N VAL A 237 -34.37 28.22 5.83
CA VAL A 237 -33.45 27.43 5.01
C VAL A 237 -33.31 28.05 3.62
N ASN A 238 -32.07 28.15 3.16
CA ASN A 238 -31.71 28.50 1.80
C ASN A 238 -31.47 27.20 1.03
N LEU A 239 -32.34 26.93 0.03
CA LEU A 239 -32.30 25.62 -0.66
C LEU A 239 -31.03 25.48 -1.50
N THR A 240 -30.49 26.55 -2.04
CA THR A 240 -29.25 26.45 -2.82
C THR A 240 -28.08 26.04 -1.90
N LEU A 241 -28.00 26.70 -0.76
CA LEU A 241 -26.93 26.37 0.22
C LEU A 241 -27.10 24.91 0.64
N LEU A 242 -28.34 24.51 0.97
CA LEU A 242 -28.65 23.17 1.41
C LEU A 242 -28.25 22.18 0.32
N ARG A 243 -28.66 22.45 -0.91
CA ARG A 243 -28.36 21.58 -2.01
C ARG A 243 -26.82 21.43 -2.16
N TYR A 244 -26.09 22.51 -2.10
CA TYR A 244 -24.62 22.48 -2.21
C TYR A 244 -24.03 21.67 -1.03
N ALA A 245 -24.57 21.85 0.14
CA ALA A 245 -24.09 21.16 1.37
C ALA A 245 -24.19 19.64 1.22
N LYS A 246 -25.29 19.16 0.66
CA LYS A 246 -25.48 17.74 0.44
C LYS A 246 -24.55 17.22 -0.66
N LEU A 247 -24.37 18.01 -1.73
CA LEU A 247 -23.56 17.57 -2.83
C LEU A 247 -22.08 17.49 -2.41
N ASP A 248 -21.59 18.55 -1.82
CA ASP A 248 -20.21 18.62 -1.33
C ASP A 248 -19.98 17.52 -0.29
N PHE A 249 -20.97 17.27 0.55
CA PHE A 249 -20.84 16.19 1.52
C PHE A 249 -20.56 14.87 0.81
N ASN A 250 -21.39 14.54 -0.18
CA ASN A 250 -21.19 13.30 -0.89
C ASN A 250 -19.85 13.27 -1.64
N ILE A 251 -19.38 14.38 -2.18
CA ILE A 251 -18.13 14.36 -2.93
C ILE A 251 -16.97 14.09 -1.94
N VAL A 252 -16.97 14.81 -0.83
CA VAL A 252 -15.94 14.59 0.21
C VAL A 252 -16.05 13.13 0.68
N GLN A 253 -17.24 12.65 0.95
CA GLN A 253 -17.41 11.29 1.40
C GLN A 253 -16.76 10.31 0.42
N SER A 254 -16.86 10.56 -0.91
CA SER A 254 -16.26 9.60 -1.90
C SER A 254 -14.75 9.55 -1.74
N PHE A 255 -14.09 10.68 -1.42
CA PHE A 255 -12.65 10.66 -1.10
C PHE A 255 -12.40 9.80 0.15
N HIS A 256 -13.20 10.02 1.19
CA HIS A 256 -13.08 9.18 2.44
C HIS A 256 -13.24 7.69 2.12
N GLN A 257 -14.22 7.34 1.30
CA GLN A 257 -14.47 5.93 1.01
C GLN A 257 -13.25 5.32 0.32
N LYS A 258 -12.56 6.06 -0.54
CA LYS A 258 -11.37 5.54 -1.21
C LYS A 258 -10.23 5.34 -0.20
N GLU A 259 -10.12 6.28 0.71
CA GLU A 259 -9.10 6.22 1.78
C GLU A 259 -9.33 4.97 2.63
N ILE A 260 -10.57 4.68 3.06
CA ILE A 260 -10.79 3.53 3.95
C ILE A 260 -10.50 2.24 3.18
N GLY A 261 -10.76 2.27 1.85
CA GLY A 261 -10.36 1.16 1.03
C GLY A 261 -8.88 0.89 1.09
N ARG A 262 -8.07 1.94 0.87
CA ARG A 262 -6.63 1.83 0.93
C ARG A 262 -6.17 1.35 2.32
N LEU A 263 -6.75 1.98 3.35
CA LEU A 263 -6.31 1.68 4.75
C LEU A 263 -6.68 0.25 5.14
N SER A 264 -7.81 -0.22 4.68
CA SER A 264 -8.30 -1.58 4.94
C SER A 264 -7.37 -2.57 4.29
N ARG A 265 -7.02 -2.29 3.02
CA ARG A 265 -6.07 -3.19 2.33
C ARG A 265 -4.71 -3.21 3.07
N TRP A 266 -4.20 -2.07 3.50
CA TRP A 266 -2.98 -1.99 4.27
C TRP A 266 -3.10 -2.85 5.55
N TRP A 267 -4.19 -2.60 6.27
CA TRP A 267 -4.42 -3.28 7.59
C TRP A 267 -4.48 -4.79 7.40
N VAL A 268 -5.25 -5.27 6.43
CA VAL A 268 -5.30 -6.71 6.20
C VAL A 268 -3.88 -7.20 5.80
N GLY A 269 -3.13 -6.41 5.04
CA GLY A 269 -1.75 -6.74 4.69
C GLY A 269 -0.82 -6.86 5.87
N THR A 270 -1.06 -6.07 6.95
CA THR A 270 -0.20 -6.22 8.12
C THR A 270 -0.51 -7.54 8.83
N GLY A 271 -1.68 -8.13 8.60
CA GLY A 271 -2.13 -9.23 9.41
C GLY A 271 -2.65 -8.87 10.80
N LEU A 272 -2.68 -7.58 11.19
CA LEU A 272 -3.07 -7.20 12.56
C LEU A 272 -4.56 -7.33 12.82
N ASP A 273 -5.36 -7.43 11.76
CA ASP A 273 -6.75 -7.76 11.86
C ASP A 273 -6.96 -9.14 12.47
N LYS A 274 -5.93 -9.96 12.45
CA LYS A 274 -6.06 -11.35 12.95
C LYS A 274 -5.45 -11.49 14.34
N MET A 275 -4.96 -10.40 14.94
CA MET A 275 -4.53 -10.50 16.36
C MET A 275 -5.79 -10.74 17.19
N PRO A 276 -5.66 -11.48 18.28
CA PRO A 276 -6.82 -11.69 19.12
C PRO A 276 -7.06 -10.53 20.10
N PHE A 277 -6.85 -9.30 19.62
CA PHE A 277 -7.22 -8.07 20.33
C PHE A 277 -7.45 -6.97 19.28
N ALA A 278 -7.82 -5.78 19.75
CA ALA A 278 -7.89 -4.53 18.89
C ALA A 278 -8.92 -4.67 17.73
N ARG A 279 -10.01 -5.35 18.09
CA ARG A 279 -11.28 -5.30 17.35
C ARG A 279 -11.66 -3.85 17.02
N ASN A 280 -11.97 -3.64 15.76
CA ASN A 280 -12.32 -2.33 15.23
C ASN A 280 -11.23 -1.27 15.34
N GLY A 281 -10.00 -1.66 15.59
CA GLY A 281 -8.92 -0.72 15.70
C GLY A 281 -8.73 0.20 14.51
N LEU A 282 -8.75 -0.37 13.34
CA LEU A 282 -8.53 0.41 12.15
C LEU A 282 -9.68 1.35 11.86
N ILE A 283 -10.88 0.82 11.88
CA ILE A 283 -12.04 1.63 11.57
C ILE A 283 -12.23 2.75 12.59
N GLN A 284 -12.06 2.45 13.85
CA GLN A 284 -12.20 3.46 14.86
C GLN A 284 -11.13 4.54 14.73
N SER A 285 -9.92 4.15 14.39
CA SER A 285 -8.87 5.14 14.22
C SER A 285 -9.23 6.08 13.07
N TYR A 286 -9.68 5.49 11.99
CA TYR A 286 -10.05 6.27 10.83
C TYR A 286 -11.22 7.21 11.16
N MET A 287 -12.22 6.70 11.86
CA MET A 287 -13.36 7.56 12.19
C MET A 287 -12.91 8.75 13.05
N TYR A 288 -11.96 8.55 13.96
CA TYR A 288 -11.45 9.63 14.76
C TYR A 288 -10.63 10.55 13.87
N ALA A 289 -9.86 10.02 12.92
CA ALA A 289 -9.02 10.85 12.09
C ALA A 289 -9.92 11.85 11.32
N ILE A 290 -11.07 11.40 10.86
CA ILE A 290 -12.01 12.30 10.16
C ILE A 290 -12.42 13.49 11.06
N GLY A 291 -12.51 13.29 12.35
CA GLY A 291 -12.70 14.39 13.29
C GLY A 291 -11.49 15.31 13.37
N MET A 292 -10.29 14.75 13.33
CA MET A 292 -9.07 15.52 13.39
C MET A 292 -8.90 16.35 12.11
N LEU A 293 -9.15 15.76 10.94
CA LEU A 293 -8.98 16.48 9.67
C LEU A 293 -9.82 15.72 8.65
N PHE A 294 -10.77 16.43 8.00
CA PHE A 294 -11.65 15.78 7.05
C PHE A 294 -11.37 16.22 5.59
N GLU A 295 -10.68 17.33 5.39
CA GLU A 295 -10.57 17.91 4.05
C GLU A 295 -9.90 16.95 3.05
N PRO A 296 -10.48 16.82 1.86
CA PRO A 296 -9.88 16.03 0.84
C PRO A 296 -8.41 16.34 0.56
N ASN A 297 -7.99 17.60 0.63
CA ASN A 297 -6.65 17.92 0.18
C ASN A 297 -5.62 17.46 1.21
N LEU A 298 -6.07 16.99 2.36
CA LEU A 298 -5.17 16.43 3.38
C LEU A 298 -5.32 14.90 3.47
N GLY A 299 -5.76 14.23 2.39
CA GLY A 299 -5.94 12.79 2.34
C GLY A 299 -4.70 12.00 2.77
N GLU A 300 -3.56 12.28 2.18
CA GLU A 300 -2.37 11.49 2.52
C GLU A 300 -2.00 11.60 4.01
N VAL A 301 -2.05 12.80 4.54
CA VAL A 301 -1.74 13.03 5.94
C VAL A 301 -2.76 12.27 6.79
N ARG A 302 -4.02 12.43 6.45
CA ARG A 302 -5.07 11.73 7.20
C ARG A 302 -4.87 10.22 7.19
N GLU A 303 -4.49 9.64 6.03
CA GLU A 303 -4.22 8.18 6.00
C GLU A 303 -3.08 7.84 7.00
N MET A 304 -2.01 8.63 7.02
CA MET A 304 -0.88 8.30 7.83
C MET A 304 -1.30 8.46 9.29
N GLU A 305 -2.10 9.47 9.62
CA GLU A 305 -2.47 9.63 11.04
C GLU A 305 -3.35 8.44 11.46
N ALA A 306 -4.21 7.98 10.56
CA ALA A 306 -5.10 6.84 10.80
C ALA A 306 -4.26 5.58 11.03
N LYS A 307 -3.17 5.40 10.28
CA LYS A 307 -2.31 4.23 10.50
C LYS A 307 -1.67 4.30 11.89
N VAL A 308 -1.12 5.46 12.26
CA VAL A 308 -0.55 5.60 13.60
C VAL A 308 -1.62 5.32 14.67
N GLY A 309 -2.83 5.87 14.51
CA GLY A 309 -3.88 5.64 15.52
C GLY A 309 -4.29 4.18 15.65
N ALA A 310 -4.36 3.44 14.53
CA ALA A 310 -4.63 2.00 14.58
C ALA A 310 -3.50 1.27 15.32
N LEU A 311 -2.26 1.68 15.15
CA LEU A 311 -1.13 1.06 15.84
C LEU A 311 -1.12 1.43 17.33
N ILE A 312 -1.47 2.66 17.68
CA ILE A 312 -1.59 3.07 19.10
C ILE A 312 -2.62 2.17 19.79
N THR A 313 -3.80 1.97 19.16
CA THR A 313 -4.87 1.14 19.69
C THR A 313 -4.38 -0.30 19.90
N THR A 314 -3.66 -0.83 18.90
CA THR A 314 -3.19 -2.16 18.93
C THR A 314 -2.12 -2.38 20.00
N ILE A 315 -1.17 -1.48 20.06
CA ILE A 315 -0.08 -1.60 20.98
C ILE A 315 -0.48 -1.31 22.43
N ASP A 316 -1.47 -0.46 22.59
CA ASP A 316 -2.06 -0.23 23.89
C ASP A 316 -2.59 -1.59 24.39
N ASP A 317 -3.35 -2.31 23.57
CA ASP A 317 -3.84 -3.63 23.92
C ASP A 317 -2.70 -4.62 24.20
N VAL A 318 -1.63 -4.55 23.43
CA VAL A 318 -0.48 -5.41 23.66
C VAL A 318 0.07 -5.21 25.08
N TYR A 319 0.20 -3.96 25.47
CA TYR A 319 0.70 -3.60 26.77
C TYR A 319 -0.32 -3.85 27.88
N ASP A 320 -1.57 -3.62 27.61
CA ASP A 320 -2.57 -3.77 28.63
C ASP A 320 -3.17 -5.14 28.80
N VAL A 321 -3.48 -5.79 27.70
CA VAL A 321 -4.15 -7.03 27.75
C VAL A 321 -3.52 -8.18 27.00
N TYR A 322 -2.22 -8.26 26.97
CA TYR A 322 -1.62 -9.44 26.32
C TYR A 322 -0.21 -9.75 26.83
N GLY A 323 0.73 -8.82 26.71
CA GLY A 323 2.13 -9.01 27.03
C GLY A 323 2.41 -9.16 28.53
N THR A 324 3.40 -9.99 28.86
CA THR A 324 3.98 -10.04 30.23
C THR A 324 4.90 -8.86 30.42
N MET A 325 5.23 -8.52 31.68
CA MET A 325 6.19 -7.50 31.91
C MET A 325 7.53 -7.76 31.18
N GLU A 326 8.01 -8.98 31.04
CA GLU A 326 9.30 -9.24 30.35
C GLU A 326 9.21 -9.03 28.82
N GLU A 327 8.12 -9.47 28.23
CA GLU A 327 7.88 -9.25 26.80
C GLU A 327 7.83 -7.74 26.51
N LEU A 328 7.18 -6.98 27.36
CA LEU A 328 6.99 -5.58 27.10
C LEU A 328 8.32 -4.84 27.30
N GLU A 329 9.14 -5.25 28.29
CA GLU A 329 10.51 -4.68 28.44
C GLU A 329 11.29 -4.81 27.15
N LEU A 330 11.22 -5.95 26.49
CA LEU A 330 11.95 -6.11 25.23
C LEU A 330 11.29 -5.26 24.11
N PHE A 331 9.95 -5.26 24.05
CA PHE A 331 9.24 -4.39 23.06
C PHE A 331 9.74 -2.96 23.18
N THR A 332 9.79 -2.47 24.44
CA THR A 332 10.16 -1.10 24.72
C THR A 332 11.62 -0.87 24.34
N ASP A 333 12.49 -1.81 24.68
CA ASP A 333 13.95 -1.67 24.37
C ASP A 333 14.24 -1.66 22.87
N ILE A 334 13.58 -2.52 22.12
CA ILE A 334 13.75 -2.54 20.65
C ILE A 334 13.33 -1.19 20.09
N THR A 335 12.23 -0.68 20.64
CA THR A 335 11.68 0.59 20.09
C THR A 335 12.66 1.72 20.42
N ASN A 336 13.16 1.75 21.68
CA ASN A 336 14.10 2.76 22.14
C ASN A 336 15.32 2.80 21.25
N ARG A 337 15.83 1.63 20.91
CA ARG A 337 17.06 1.54 20.17
C ARG A 337 16.83 1.46 18.65
N TRP A 338 15.59 1.38 18.21
CA TRP A 338 15.27 1.25 16.76
C TRP A 338 16.08 0.14 16.09
N ASP A 339 16.07 -1.03 16.74
CA ASP A 339 16.90 -2.14 16.37
C ASP A 339 16.16 -3.38 16.58
N ILE A 340 15.74 -4.00 15.47
CA ILE A 340 14.83 -5.14 15.52
C ILE A 340 15.57 -6.49 15.53
N SER A 341 16.87 -6.50 15.79
CA SER A 341 17.67 -7.77 15.86
C SER A 341 17.00 -8.83 16.71
N LYS A 342 16.50 -8.46 17.89
CA LYS A 342 15.97 -9.45 18.84
C LYS A 342 14.47 -9.68 18.68
N ALA A 343 13.87 -9.14 17.60
CA ALA A 343 12.43 -9.21 17.47
C ALA A 343 11.93 -10.66 17.53
N ASP A 344 12.68 -11.61 17.01
CA ASP A 344 12.19 -12.98 17.01
C ASP A 344 12.11 -13.63 18.40
N GLN A 345 12.65 -12.99 19.44
CA GLN A 345 12.43 -13.44 20.85
C GLN A 345 10.97 -13.22 21.28
N LEU A 346 10.19 -12.39 20.55
CA LEU A 346 8.80 -12.14 20.91
C LEU A 346 7.87 -13.11 20.19
N PRO A 347 6.87 -13.62 20.87
CA PRO A 347 5.88 -14.37 20.18
C PRO A 347 5.14 -13.60 19.08
N ARG A 348 4.71 -14.35 18.09
CA ARG A 348 4.08 -13.84 16.89
C ARG A 348 3.10 -12.70 17.18
N ASN A 349 2.17 -12.88 18.12
CA ASN A 349 1.15 -11.86 18.31
C ASN A 349 1.69 -10.56 18.90
N ILE A 350 2.90 -10.54 19.42
CA ILE A 350 3.53 -9.35 19.93
C ILE A 350 4.51 -8.83 18.88
N ARG A 351 5.19 -9.75 18.20
CA ARG A 351 6.18 -9.42 17.20
C ARG A 351 5.55 -8.70 15.99
N MET A 352 4.36 -9.10 15.61
CA MET A 352 3.70 -8.51 14.38
C MET A 352 3.33 -7.05 14.64
N PRO A 353 2.67 -6.73 15.77
CA PRO A 353 2.51 -5.30 16.11
C PRO A 353 3.84 -4.52 16.18
N LEU A 354 4.85 -5.09 16.77
CA LEU A 354 6.11 -4.42 16.91
C LEU A 354 6.67 -4.06 15.53
N LEU A 355 6.74 -5.04 14.67
CA LEU A 355 7.39 -4.83 13.40
C LEU A 355 6.51 -3.96 12.50
N THR A 356 5.19 -4.00 12.70
CA THR A 356 4.34 -3.07 11.95
C THR A 356 4.56 -1.63 12.40
N MET A 357 4.66 -1.39 13.70
CA MET A 357 5.01 -0.10 14.23
C MET A 357 6.32 0.40 13.59
N PHE A 358 7.34 -0.47 13.55
CA PHE A 358 8.64 -0.14 13.02
C PHE A 358 8.54 0.22 11.51
N ASN A 359 7.89 -0.63 10.74
CA ASN A 359 7.79 -0.50 9.28
C ASN A 359 6.97 0.74 8.91
N THR A 360 5.86 0.97 9.62
CA THR A 360 5.02 2.10 9.34
C THR A 360 5.72 3.42 9.73
N SER A 361 6.40 3.45 10.88
CA SER A 361 7.14 4.63 11.32
C SER A 361 8.24 4.98 10.29
N ASN A 362 8.92 3.97 9.79
CA ASN A 362 9.90 4.15 8.71
C ASN A 362 9.24 4.68 7.42
N ASP A 363 8.10 4.12 6.99
CA ASP A 363 7.35 4.61 5.90
C ASP A 363 6.95 6.09 6.03
N ILE A 364 6.47 6.46 7.22
CA ILE A 364 6.01 7.84 7.47
C ILE A 364 7.21 8.80 7.45
N GLY A 365 8.29 8.42 8.12
CA GLY A 365 9.50 9.25 8.12
C GLY A 365 10.06 9.40 6.72
N TYR A 366 9.98 8.33 5.93
CA TYR A 366 10.46 8.34 4.57
C TYR A 366 9.60 9.29 3.71
N TRP A 367 8.28 9.27 3.89
CA TRP A 367 7.40 10.17 3.13
C TRP A 367 7.86 11.61 3.38
N ALA A 368 8.20 11.95 4.61
CA ALA A 368 8.68 13.28 4.92
C ALA A 368 9.97 13.56 4.15
N LEU A 369 10.83 12.56 4.00
CA LEU A 369 12.05 12.79 3.21
C LEU A 369 11.70 13.03 1.73
N LYS A 370 10.86 12.19 1.15
CA LYS A 370 10.55 12.16 -0.27
C LYS A 370 9.75 13.41 -0.65
N GLU A 371 8.80 13.77 0.20
CA GLU A 371 7.81 14.80 -0.13
C GLU A 371 8.23 16.16 0.40
N ARG A 372 8.81 16.20 1.60
CA ARG A 372 8.98 17.41 2.38
C ARG A 372 10.47 17.75 2.50
N GLY A 373 11.36 16.89 1.99
CA GLY A 373 12.82 17.02 1.98
C GLY A 373 13.52 16.70 3.30
N PHE A 374 12.83 16.11 4.27
CA PHE A 374 13.44 15.96 5.58
C PHE A 374 13.16 14.55 6.08
N ASN A 375 14.17 13.88 6.61
CA ASN A 375 14.00 12.49 7.06
C ASN A 375 13.31 12.50 8.42
N GLY A 376 12.08 12.05 8.45
CA GLY A 376 11.30 12.06 9.68
C GLY A 376 11.41 10.78 10.47
N ILE A 377 12.29 9.84 10.11
CA ILE A 377 12.36 8.58 10.91
C ILE A 377 12.83 8.84 12.35
N PRO A 378 13.85 9.66 12.56
CA PRO A 378 14.22 9.92 13.97
C PRO A 378 13.05 10.44 14.81
N CYS A 379 12.20 11.28 14.19
CA CYS A 379 11.06 11.91 14.82
C CYS A 379 10.02 10.82 15.21
N THR A 380 9.60 10.01 14.24
CA THR A 380 8.60 8.98 14.50
C THR A 380 9.15 7.97 15.53
N ALA A 381 10.43 7.61 15.40
CA ALA A 381 11.04 6.65 16.37
C ALA A 381 11.00 7.21 17.79
N LYS A 382 11.27 8.51 17.92
CA LYS A 382 11.32 9.20 19.17
C LYS A 382 9.94 9.25 19.84
N VAL A 383 8.88 9.62 19.10
CA VAL A 383 7.57 9.71 19.74
C VAL A 383 7.07 8.31 20.12
N TRP A 384 7.38 7.28 19.39
CA TRP A 384 7.01 5.93 19.83
C TRP A 384 7.80 5.50 21.10
N SER A 385 9.09 5.78 21.14
CA SER A 385 9.87 5.51 22.32
C SER A 385 9.28 6.26 23.52
N ASP A 386 8.94 7.55 23.36
CA ASP A 386 8.33 8.32 24.47
C ASP A 386 7.01 7.65 24.91
N GLN A 387 6.18 7.26 23.94
CA GLN A 387 4.87 6.66 24.26
C GLN A 387 5.01 5.33 25.00
N LEU A 388 5.94 4.48 24.58
CA LEU A 388 6.02 3.21 25.27
C LEU A 388 6.68 3.36 26.67
N LYS A 389 7.51 4.34 26.82
CA LYS A 389 8.03 4.64 28.14
C LYS A 389 6.87 5.08 29.06
N SER A 390 5.88 5.78 28.52
CA SER A 390 4.78 6.21 29.34
C SER A 390 3.88 5.00 29.70
N TYR A 391 3.74 4.02 28.80
CA TYR A 391 2.98 2.81 29.08
C TYR A 391 3.68 2.03 30.20
N THR A 392 4.99 2.00 30.08
CA THR A 392 5.78 1.27 31.08
C THR A 392 5.63 1.87 32.49
N LYS A 393 5.64 3.19 32.59
CA LYS A 393 5.44 3.88 33.87
C LYS A 393 4.08 3.54 34.47
N GLU A 394 3.00 3.62 33.68
CA GLU A 394 1.70 3.27 34.14
C GLU A 394 1.71 1.82 34.65
N ALA A 395 2.34 0.91 33.92
CA ALA A 395 2.35 -0.55 34.29
C ALA A 395 3.08 -0.73 35.62
N LYS A 396 4.18 0.00 35.80
CA LYS A 396 4.95 -0.04 37.07
C LYS A 396 4.06 0.39 38.25
N TRP A 397 3.39 1.54 38.10
CA TRP A 397 2.42 1.96 39.11
C TRP A 397 1.34 0.90 39.41
N PHE A 398 0.76 0.30 38.38
CA PHE A 398 -0.34 -0.63 38.51
C PHE A 398 0.13 -1.87 39.30
N HIS A 399 1.33 -2.36 38.95
CA HIS A 399 1.90 -3.58 39.55
C HIS A 399 2.46 -3.32 40.96
N GLU A 400 2.95 -2.10 41.25
CA GLU A 400 3.47 -1.74 42.58
C GLU A 400 2.34 -1.24 43.50
N GLY A 401 1.15 -1.07 42.99
CA GLY A 401 0.04 -0.46 43.74
C GLY A 401 0.25 1.03 44.05
N HIS A 402 1.06 1.74 43.29
CA HIS A 402 1.23 3.20 43.46
C HIS A 402 -0.08 3.92 43.12
N LYS A 403 -0.38 4.93 43.92
CA LYS A 403 -1.54 5.79 43.77
C LYS A 403 -1.03 7.20 43.48
N PRO A 404 -0.82 7.52 42.19
CA PRO A 404 -0.26 8.82 41.89
C PRO A 404 -1.25 9.94 42.19
N THR A 405 -0.72 11.13 42.42
CA THR A 405 -1.52 12.31 42.47
C THR A 405 -2.07 12.59 41.08
N LEU A 406 -3.08 13.43 41.00
CA LEU A 406 -3.57 13.81 39.67
C LEU A 406 -2.46 14.44 38.85
N GLU A 407 -1.65 15.31 39.45
CA GLU A 407 -0.62 15.99 38.65
C GLU A 407 0.47 14.97 38.21
N GLU A 408 0.88 14.00 39.03
CA GLU A 408 1.88 13.05 38.57
C GLU A 408 1.27 12.13 37.49
N TYR A 409 0.03 11.75 37.68
CA TYR A 409 -0.67 10.92 36.67
C TYR A 409 -0.77 11.65 35.33
N LEU A 410 -1.24 12.90 35.31
CA LEU A 410 -1.49 13.58 34.02
C LEU A 410 -0.20 13.88 33.29
N ASP A 411 0.90 14.16 34.01
CA ASP A 411 2.15 14.44 33.28
C ASP A 411 2.57 13.24 32.44
N ASN A 412 2.31 12.03 32.88
CA ASN A 412 2.58 10.83 32.11
C ASN A 412 1.41 10.49 31.17
N ALA A 413 0.16 10.67 31.61
CA ALA A 413 -0.99 10.18 30.86
C ALA A 413 -1.33 11.05 29.64
N LEU A 414 -0.85 12.28 29.61
CA LEU A 414 -0.97 13.12 28.44
C LEU A 414 -0.04 12.59 27.34
N VAL A 415 0.95 11.77 27.73
CA VAL A 415 1.81 11.09 26.72
C VAL A 415 1.15 9.76 26.37
N SER A 416 0.67 9.00 27.36
CA SER A 416 0.15 7.68 27.08
C SER A 416 -1.12 7.68 26.24
N ILE A 417 -1.91 8.77 26.26
CA ILE A 417 -3.09 8.86 25.39
C ILE A 417 -2.68 8.83 23.92
N GLY A 418 -1.44 9.23 23.58
CA GLY A 418 -0.92 9.05 22.19
C GLY A 418 -0.98 10.33 21.35
N PHE A 419 -1.47 11.44 21.91
CA PHE A 419 -1.63 12.66 21.12
C PHE A 419 -0.33 13.41 20.91
N PRO A 420 0.64 13.37 21.84
CA PRO A 420 1.98 13.83 21.42
C PRO A 420 2.50 13.14 20.15
N ASN A 421 2.35 11.84 20.10
CA ASN A 421 2.72 11.04 18.93
C ASN A 421 1.95 11.49 17.68
N LEU A 422 0.62 11.51 17.79
CA LEU A 422 -0.21 11.86 16.64
C LEU A 422 0.02 13.31 16.22
N LEU A 423 0.13 14.23 17.18
CA LEU A 423 0.28 15.67 16.83
C LEU A 423 1.66 16.00 16.26
N VAL A 424 2.73 15.53 16.91
CA VAL A 424 4.06 15.75 16.39
C VAL A 424 4.18 15.13 15.00
N THR A 425 3.60 13.95 14.80
CA THR A 425 3.62 13.36 13.47
C THR A 425 2.89 14.27 12.48
N SER A 426 1.72 14.78 12.84
CA SER A 426 0.96 15.66 11.97
C SER A 426 1.78 16.91 11.59
N TYR A 427 2.53 17.44 12.55
CA TYR A 427 3.36 18.63 12.33
C TYR A 427 4.51 18.31 11.35
N LEU A 428 5.21 17.19 11.62
CA LEU A 428 6.24 16.69 10.69
C LEU A 428 5.76 16.66 9.23
N LEU A 429 4.55 16.20 9.03
CA LEU A 429 4.03 15.94 7.67
C LEU A 429 3.47 17.19 7.01
N THR A 430 3.25 18.27 7.75
CA THR A 430 2.60 19.46 7.15
C THR A 430 3.41 20.75 7.29
N VAL A 431 4.23 20.93 8.32
CA VAL A 431 4.99 22.19 8.52
C VAL A 431 5.84 22.51 7.26
N GLU A 432 5.89 23.79 6.88
CA GLU A 432 6.84 24.16 5.80
C GLU A 432 8.27 24.08 6.33
N ASN A 433 9.17 23.48 5.56
CA ASN A 433 10.60 23.42 5.92
C ASN A 433 10.85 22.75 7.29
N PRO A 434 10.47 21.50 7.44
CA PRO A 434 10.70 20.86 8.69
C PRO A 434 12.20 20.71 8.96
N THR A 435 12.57 20.83 10.23
CA THR A 435 13.94 20.74 10.74
C THR A 435 13.90 20.00 12.07
N LYS A 436 15.04 19.44 12.47
CA LYS A 436 15.14 18.86 13.78
C LYS A 436 14.75 19.88 14.85
N GLU A 437 15.22 21.12 14.76
CA GLU A 437 14.92 22.06 15.85
C GLU A 437 13.42 22.32 15.94
N LYS A 438 12.74 22.45 14.79
CA LYS A 438 11.27 22.65 14.81
C LYS A 438 10.57 21.43 15.44
N LEU A 439 10.99 20.22 15.11
CA LEU A 439 10.36 19.03 15.67
C LEU A 439 10.63 18.88 17.16
N ASP A 440 11.84 19.22 17.62
CA ASP A 440 12.18 19.17 19.03
C ASP A 440 11.22 20.18 19.77
N TYR A 441 11.06 21.35 19.18
CA TYR A 441 10.16 22.39 19.76
C TYR A 441 8.72 21.82 19.96
N VAL A 442 8.15 21.25 18.94
CA VAL A 442 6.77 20.73 19.07
C VAL A 442 6.75 19.59 20.10
N ASN A 443 7.76 18.72 20.10
CA ASN A 443 7.79 17.62 21.02
C ASN A 443 8.14 18.08 22.45
N SER A 444 8.45 19.38 22.66
CA SER A 444 8.78 19.91 24.00
C SER A 444 7.51 20.36 24.73
N LEU A 445 6.37 20.25 24.04
CA LEU A 445 5.05 20.56 24.56
C LEU A 445 4.94 22.04 24.96
N PRO A 446 4.96 22.89 23.98
CA PRO A 446 4.54 24.29 24.17
C PRO A 446 3.10 24.32 24.71
N LEU A 447 2.75 25.35 25.46
CA LEU A 447 1.41 25.38 26.11
C LEU A 447 0.28 24.90 25.19
N PHE A 448 0.23 25.37 23.97
CA PHE A 448 -0.85 25.04 23.00
C PHE A 448 -0.98 23.53 22.84
N VAL A 449 0.13 22.88 22.66
CA VAL A 449 0.14 21.40 22.44
C VAL A 449 -0.12 20.69 23.77
N ARG A 450 0.46 21.16 24.84
CA ARG A 450 0.27 20.53 26.16
C ARG A 450 -1.22 20.55 26.53
N ALA A 451 -1.88 21.66 26.31
CA ALA A 451 -3.31 21.81 26.62
C ALA A 451 -4.11 20.76 25.83
N SER A 452 -3.84 20.64 24.55
CA SER A 452 -4.53 19.67 23.68
C SER A 452 -4.31 18.25 24.20
N CYS A 453 -3.09 17.86 24.47
CA CYS A 453 -2.85 16.47 24.94
C CYS A 453 -3.50 16.25 26.30
N ILE A 454 -3.39 17.18 27.22
CA ILE A 454 -4.04 16.97 28.54
C ILE A 454 -5.55 16.85 28.32
N LEU A 455 -6.11 17.74 27.52
CA LEU A 455 -7.56 17.67 27.25
C LEU A 455 -7.96 16.28 26.73
N CYS A 456 -7.24 15.75 25.75
CA CYS A 456 -7.61 14.46 25.16
C CYS A 456 -7.62 13.37 26.24
N ARG A 457 -6.60 13.41 27.13
CA ARG A 457 -6.50 12.47 28.22
C ARG A 457 -7.63 12.64 29.23
N ILE A 458 -7.90 13.83 29.71
CA ILE A 458 -8.92 14.00 30.72
C ILE A 458 -10.31 13.69 30.13
N ILE A 459 -10.53 14.08 28.89
CA ILE A 459 -11.81 13.82 28.26
C ILE A 459 -12.06 12.30 28.16
N ASN A 460 -11.06 11.57 27.70
CA ASN A 460 -11.15 10.13 27.62
C ASN A 460 -11.48 9.55 29.00
N ASP A 461 -10.78 10.00 30.03
CA ASP A 461 -11.01 9.50 31.37
C ASP A 461 -12.43 9.78 31.91
N LEU A 462 -12.98 10.91 31.53
CA LEU A 462 -14.31 11.28 31.93
C LEU A 462 -15.35 10.45 31.24
N GLY A 463 -14.98 9.83 30.17
CA GLY A 463 -15.91 9.01 29.43
C GLY A 463 -16.21 7.63 29.99
N THR A 464 -15.44 7.29 31.00
CA THR A 464 -15.54 6.02 31.65
C THR A 464 -16.73 5.97 32.55
N SER A 465 -17.61 5.06 32.21
CA SER A 465 -18.81 4.84 32.93
C SER A 465 -18.44 4.17 34.21
N PRO A 466 -19.05 4.60 35.35
CA PRO A 466 -18.99 4.10 36.76
C PRO A 466 -19.19 2.60 37.08
N ASP A 467 -19.47 1.82 36.06
CA ASP A 467 -19.51 0.40 36.03
C ASP A 467 -18.03 0.04 36.16
N GLU A 468 -17.16 0.74 35.44
CA GLU A 468 -15.74 0.46 35.50
C GLU A 468 -15.05 1.26 36.61
N MET A 469 -15.77 2.22 37.15
CA MET A 469 -15.23 3.06 38.21
C MET A 469 -15.26 2.27 39.50
N GLU A 470 -16.36 1.57 39.71
CA GLU A 470 -16.49 0.70 40.86
C GLU A 470 -15.32 -0.26 40.93
N ARG A 471 -14.63 -0.51 39.80
CA ARG A 471 -13.47 -1.34 39.86
C ARG A 471 -12.22 -0.65 40.43
N GLY A 472 -12.32 0.63 40.81
CA GLY A 472 -11.25 1.34 41.54
C GLY A 472 -9.92 1.37 40.80
N ASP A 473 -9.96 1.58 39.48
CA ASP A 473 -8.75 1.79 38.71
C ASP A 473 -8.18 3.13 39.19
N ASN A 474 -7.04 3.04 39.88
CA ASN A 474 -6.36 4.18 40.51
C ASN A 474 -5.69 5.04 39.45
N LEU A 475 -5.52 4.52 38.24
CA LEU A 475 -4.76 5.19 37.23
C LEU A 475 -5.69 5.81 36.21
N LYS A 476 -6.72 6.52 36.69
CA LYS A 476 -7.50 7.38 35.86
C LYS A 476 -7.74 8.69 36.61
N SER A 477 -7.98 9.76 35.87
CA SER A 477 -8.13 11.10 36.42
C SER A 477 -9.01 11.27 37.67
N ILE A 478 -10.26 10.86 37.57
CA ILE A 478 -11.16 11.03 38.68
C ILE A 478 -10.66 10.33 39.93
N GLN A 479 -10.30 9.06 39.83
CA GLN A 479 -9.83 8.29 40.95
C GLN A 479 -8.57 8.87 41.54
N CYS A 480 -7.67 9.33 40.71
CA CYS A 480 -6.46 9.95 41.20
C CYS A 480 -6.77 11.15 42.07
N TYR A 481 -7.68 12.00 41.62
CA TYR A 481 -8.07 13.16 42.37
C TYR A 481 -8.82 12.75 43.62
N MET A 482 -9.66 11.73 43.54
CA MET A 482 -10.36 11.21 44.68
C MET A 482 -9.36 10.76 45.73
N ASN A 483 -8.32 10.06 45.31
CA ASN A 483 -7.33 9.58 46.23
C ASN A 483 -6.56 10.67 46.90
N GLU A 484 -6.32 11.74 46.20
CA GLU A 484 -5.56 12.81 46.75
C GLU A 484 -6.26 13.52 47.86
N ALA A 485 -7.26 14.23 47.42
CA ALA A 485 -8.03 15.13 48.23
C ALA A 485 -8.98 14.45 49.15
N GLY A 486 -9.22 13.17 48.98
CA GLY A 486 -10.20 12.47 49.75
C GLY A 486 -11.58 12.92 49.30
N ALA A 487 -11.74 13.23 48.05
CA ALA A 487 -12.99 13.72 47.55
C ALA A 487 -13.87 12.62 47.09
N SER A 488 -15.15 12.90 46.93
CA SER A 488 -16.08 11.92 46.45
C SER A 488 -16.03 11.80 44.95
N GLN A 489 -16.69 10.80 44.41
CA GLN A 489 -16.69 10.64 42.99
C GLN A 489 -17.34 11.82 42.33
N GLU A 490 -18.44 12.31 42.86
CA GLU A 490 -19.09 13.46 42.26
C GLU A 490 -18.28 14.74 42.32
N VAL A 491 -17.64 14.98 43.44
CA VAL A 491 -16.85 16.17 43.62
C VAL A 491 -15.65 16.09 42.71
N ALA A 492 -15.05 14.92 42.63
CA ALA A 492 -13.89 14.72 41.80
C ALA A 492 -14.22 14.85 40.31
N ARG A 493 -15.36 14.35 39.88
CA ARG A 493 -15.78 14.48 38.51
C ARG A 493 -15.96 15.95 38.20
N GLU A 494 -16.59 16.66 39.11
CA GLU A 494 -16.80 18.11 38.91
C GLU A 494 -15.46 18.82 38.80
N HIS A 495 -14.49 18.43 39.62
CA HIS A 495 -13.15 19.01 39.53
C HIS A 495 -12.53 18.74 38.12
N ILE A 496 -12.68 17.53 37.64
CA ILE A 496 -12.03 17.17 36.34
C ILE A 496 -12.72 17.91 35.18
N GLU A 497 -14.05 18.06 35.31
CA GLU A 497 -14.81 18.80 34.35
C GLU A 497 -14.37 20.27 34.34
N GLY A 498 -13.99 20.82 35.50
CA GLY A 498 -13.51 22.13 35.56
C GLY A 498 -12.16 22.28 34.90
N LEU A 499 -11.35 21.23 34.97
CA LEU A 499 -10.08 21.29 34.30
C LEU A 499 -10.28 21.33 32.78
N VAL A 500 -11.26 20.60 32.28
CA VAL A 500 -11.53 20.64 30.85
C VAL A 500 -11.84 22.07 30.44
N ARG A 501 -12.71 22.75 31.24
CA ARG A 501 -13.07 24.11 30.85
C ARG A 501 -11.86 25.05 30.90
N MET A 502 -11.05 24.88 31.93
CA MET A 502 -9.80 25.69 32.07
C MET A 502 -8.87 25.51 30.87
N TRP A 503 -8.55 24.26 30.51
CA TRP A 503 -7.59 24.05 29.41
C TRP A 503 -8.16 24.52 28.08
N TRP A 504 -9.48 24.39 27.87
CA TRP A 504 -10.08 25.00 26.72
C TRP A 504 -9.87 26.52 26.71
N LYS A 505 -10.05 27.17 27.83
CA LYS A 505 -9.78 28.63 27.91
C LYS A 505 -8.34 28.97 27.45
N ARG A 506 -7.39 28.16 27.89
CA ARG A 506 -5.99 28.38 27.46
C ARG A 506 -5.82 28.14 25.97
N LEU A 507 -6.37 27.03 25.41
CA LEU A 507 -6.39 26.82 23.98
C LEU A 507 -6.96 28.00 23.19
N ASN A 508 -8.15 28.53 23.61
CA ASN A 508 -8.80 29.63 22.95
C ASN A 508 -7.89 30.86 22.89
N LYS A 509 -7.29 31.15 24.00
CA LYS A 509 -6.41 32.36 24.08
C LYS A 509 -5.12 32.15 23.25
N CYS A 510 -4.61 30.93 23.23
CA CYS A 510 -3.38 30.64 22.41
C CYS A 510 -3.65 31.02 20.96
N LEU A 511 -4.88 30.84 20.39
CA LEU A 511 -5.14 31.18 19.01
C LEU A 511 -5.11 32.69 18.74
N PHE A 512 -5.14 33.52 19.76
CA PHE A 512 -5.02 34.97 19.56
C PHE A 512 -3.55 35.38 19.68
N GLU A 513 -2.66 34.44 19.98
CA GLU A 513 -1.18 34.62 19.71
C GLU A 513 -0.57 33.26 19.34
N PRO A 514 -0.84 32.76 18.11
CA PRO A 514 -0.47 31.35 17.88
C PRO A 514 0.98 31.12 17.45
N SER A 515 1.74 32.18 17.13
CA SER A 515 3.07 31.95 16.55
C SER A 515 3.87 31.11 17.55
N PRO A 516 4.67 30.19 17.07
CA PRO A 516 5.10 29.96 15.69
C PRO A 516 4.23 29.05 14.84
N PHE A 517 3.08 28.58 15.37
CA PHE A 517 2.28 27.62 14.62
C PHE A 517 1.40 28.30 13.56
N ALA A 518 1.12 27.55 12.53
CA ALA A 518 0.27 27.96 11.41
C ALA A 518 -0.73 26.84 11.11
N GLU A 519 -1.65 27.17 10.24
CA GLU A 519 -2.48 26.11 9.60
C GLU A 519 -1.60 25.18 8.76
N PRO A 520 -1.92 23.89 8.71
CA PRO A 520 -3.09 23.27 9.31
C PRO A 520 -2.90 22.71 10.73
N PHE A 521 -1.70 22.80 11.27
CA PHE A 521 -1.42 22.34 12.64
C PHE A 521 -2.26 23.05 13.71
N LEU A 522 -2.57 24.36 13.57
CA LEU A 522 -3.43 24.99 14.53
C LEU A 522 -4.78 24.28 14.61
N SER A 523 -5.34 23.96 13.46
CA SER A 523 -6.64 23.24 13.43
C SER A 523 -6.53 21.81 13.98
N PHE A 524 -5.43 21.10 13.68
CA PHE A 524 -5.26 19.71 14.13
C PHE A 524 -5.30 19.70 15.66
N THR A 525 -4.61 20.67 16.28
CA THR A 525 -4.43 20.66 17.72
C THR A 525 -5.77 20.85 18.44
N VAL A 526 -6.64 21.65 17.84
CA VAL A 526 -7.94 21.87 18.39
C VAL A 526 -8.85 20.67 18.06
N ASN A 527 -8.81 20.19 16.85
CA ASN A 527 -9.79 19.23 16.36
C ASN A 527 -9.57 17.89 17.04
N VAL A 528 -8.31 17.53 17.45
CA VAL A 528 -8.18 16.25 18.24
C VAL A 528 -9.01 16.32 19.52
N VAL A 529 -9.11 17.49 20.13
CA VAL A 529 -9.87 17.64 21.33
C VAL A 529 -11.37 17.38 21.04
N ARG A 530 -11.82 18.01 19.98
CA ARG A 530 -13.23 17.85 19.56
C ARG A 530 -13.52 16.37 19.27
N GLY A 531 -12.58 15.70 18.59
CA GLY A 531 -12.71 14.25 18.40
C GLY A 531 -12.88 13.52 19.71
N SER A 532 -12.10 13.87 20.75
CA SER A 532 -12.20 13.20 22.03
C SER A 532 -13.57 13.43 22.67
N HIS A 533 -14.03 14.65 22.62
CA HIS A 533 -15.34 14.94 23.21
C HIS A 533 -16.41 14.11 22.51
N PHE A 534 -16.31 14.04 21.19
CA PHE A 534 -17.37 13.43 20.41
C PHE A 534 -17.38 11.92 20.61
N PHE A 535 -16.20 11.31 20.66
CA PHE A 535 -16.09 9.85 20.69
C PHE A 535 -16.08 9.28 22.11
N TYR A 536 -15.95 10.10 23.15
CA TYR A 536 -16.04 9.61 24.56
C TYR A 536 -17.16 10.32 25.33
N GLN A 537 -18.30 10.55 24.70
CA GLN A 537 -19.39 11.12 25.42
C GLN A 537 -19.76 10.21 26.61
N TYR A 538 -20.07 10.84 27.74
CA TYR A 538 -20.36 10.11 28.99
C TYR A 538 -21.86 9.79 29.07
N ALA A 545 -22.83 2.21 22.62
CA ALA A 545 -21.45 2.61 22.34
C ALA A 545 -21.00 2.03 20.99
N GLU A 546 -21.19 0.73 20.82
CA GLU A 546 -20.98 0.09 19.54
C GLU A 546 -22.03 0.59 18.54
N SER A 547 -23.28 0.52 18.92
CA SER A 547 -24.39 0.97 18.08
C SER A 547 -24.26 2.45 17.72
N TRP A 548 -23.92 3.27 18.68
CA TRP A 548 -23.73 4.70 18.42
C TRP A 548 -22.61 4.91 17.39
N THR A 549 -21.51 4.22 17.58
CA THR A 549 -20.35 4.31 16.66
C THR A 549 -20.79 3.90 15.25
N LYS A 550 -21.54 2.82 15.21
CA LYS A 550 -21.94 2.30 13.96
C LYS A 550 -22.86 3.28 13.25
N LYS A 551 -23.72 3.93 14.05
CA LYS A 551 -24.63 4.87 13.48
C LYS A 551 -23.85 6.03 12.86
N GLN A 552 -22.82 6.50 13.57
CA GLN A 552 -22.04 7.65 13.10
C GLN A 552 -21.26 7.28 11.84
N GLY A 553 -20.62 6.09 11.83
CA GLY A 553 -19.90 5.61 10.64
C GLY A 553 -20.84 5.43 9.46
N MET A 554 -22.08 4.98 9.70
CA MET A 554 -23.03 4.74 8.59
C MET A 554 -23.38 6.09 7.95
N SER A 555 -23.61 7.09 8.77
CA SER A 555 -24.09 8.34 8.16
C SER A 555 -22.95 9.14 7.56
N VAL A 556 -21.74 9.03 8.12
CA VAL A 556 -20.66 9.89 7.66
C VAL A 556 -19.79 9.23 6.60
N LEU A 557 -19.59 7.91 6.63
CA LEU A 557 -18.65 7.28 5.74
C LEU A 557 -19.34 6.38 4.70
N ILE A 558 -20.37 5.67 5.12
CA ILE A 558 -20.94 4.57 4.31
C ILE A 558 -22.04 5.05 3.36
N HIS A 559 -23.03 5.76 3.90
CA HIS A 559 -24.28 6.07 3.12
C HIS A 559 -24.20 7.48 2.56
N PRO A 560 -24.29 7.63 1.23
CA PRO A 560 -24.39 8.99 0.69
C PRO A 560 -25.72 9.62 1.13
N ILE A 561 -25.77 10.94 1.07
CA ILE A 561 -27.02 11.70 1.28
C ILE A 561 -27.86 11.58 0.00
N PRO A 562 -29.13 11.20 0.13
CA PRO A 562 -29.98 11.16 -1.06
C PRO A 562 -30.09 12.57 -1.66
N LEU A 563 -29.76 12.70 -2.94
CA LEU A 563 -29.98 13.95 -3.64
C LEU A 563 -31.32 13.87 -4.39
N ASN A 564 -32.03 14.98 -4.45
CA ASN A 564 -33.16 15.10 -5.35
C ASN A 564 -32.76 16.13 -6.42
N GLU A 565 -31.88 15.68 -7.33
CA GLU A 565 -31.41 16.51 -8.44
C GLU A 565 -31.76 15.77 -9.75
N ASN B 33 -6.83 12.93 -27.98
CA ASN B 33 -5.77 12.43 -27.06
C ASN B 33 -4.52 12.05 -27.88
N TYR B 34 -3.73 11.12 -27.36
CA TYR B 34 -2.33 10.93 -27.75
C TYR B 34 -1.93 9.50 -27.37
N PRO B 35 -0.87 8.94 -27.97
CA PRO B 35 -0.52 7.53 -27.72
C PRO B 35 -0.25 7.26 -26.23
N PRO B 36 -0.96 6.26 -25.64
CA PRO B 36 -0.76 5.85 -24.23
C PRO B 36 0.68 5.39 -24.05
N ASN B 37 1.42 6.09 -23.22
CA ASN B 37 2.83 5.83 -22.99
C ASN B 37 3.01 4.75 -21.90
N LEU B 38 3.56 3.59 -22.26
CA LEU B 38 3.83 2.51 -21.27
C LEU B 38 4.86 2.95 -20.23
N TRP B 39 5.71 3.93 -20.58
CA TRP B 39 6.69 4.48 -19.65
C TRP B 39 6.09 5.61 -18.78
N ASP B 40 4.83 5.97 -18.96
CA ASP B 40 4.29 7.12 -18.19
C ASP B 40 3.62 6.57 -16.89
N TYR B 41 4.21 6.82 -15.73
CA TYR B 41 3.65 6.30 -14.44
C TYR B 41 2.30 6.94 -14.15
N GLU B 42 2.01 8.09 -14.75
CA GLU B 42 0.64 8.68 -14.66
C GLU B 42 -0.36 7.66 -15.25
N PHE B 43 -0.08 7.22 -16.48
CA PHE B 43 -0.86 6.23 -17.13
C PHE B 43 -0.84 4.92 -16.33
N LEU B 44 0.36 4.49 -15.92
CA LEU B 44 0.44 3.12 -15.33
C LEU B 44 -0.36 3.08 -14.03
N GLN B 45 -0.30 4.16 -13.26
CA GLN B 45 -1.01 4.26 -11.99
C GLN B 45 -2.52 4.13 -12.15
N SER B 46 -3.06 4.36 -13.35
CA SER B 46 -4.50 4.35 -13.57
C SER B 46 -5.00 2.94 -13.93
N LEU B 47 -4.08 2.02 -14.23
CA LEU B 47 -4.52 0.67 -14.62
C LEU B 47 -5.03 -0.11 -13.41
N GLY B 48 -5.98 -1.00 -13.66
CA GLY B 48 -6.72 -1.66 -12.59
C GLY B 48 -8.12 -1.11 -12.51
N ASP B 49 -8.35 0.00 -13.23
CA ASP B 49 -9.69 0.50 -13.52
C ASP B 49 -10.15 0.11 -14.93
N GLN B 50 -9.30 0.29 -15.93
CA GLN B 50 -9.67 0.02 -17.35
C GLN B 50 -9.46 -1.47 -17.68
N CYS B 51 -10.09 -1.91 -18.78
CA CYS B 51 -9.98 -3.28 -19.35
C CYS B 51 -10.59 -4.33 -18.41
N THR B 52 -11.77 -4.02 -17.88
CA THR B 52 -12.54 -4.96 -17.05
C THR B 52 -12.88 -6.19 -17.90
N VAL B 53 -13.08 -7.33 -17.26
CA VAL B 53 -13.76 -8.46 -17.92
C VAL B 53 -15.19 -8.52 -17.39
N GLU B 54 -16.15 -8.56 -18.31
CA GLU B 54 -17.55 -8.59 -17.93
C GLU B 54 -17.76 -9.83 -17.06
N GLU B 55 -18.38 -9.63 -15.89
CA GLU B 55 -18.90 -10.74 -15.07
C GLU B 55 -19.64 -11.75 -15.97
N LYS B 56 -20.17 -11.29 -17.11
CA LYS B 56 -20.74 -12.17 -18.14
C LYS B 56 -19.70 -13.23 -18.53
N HIS B 57 -18.49 -12.77 -18.86
CA HIS B 57 -17.49 -13.57 -19.57
C HIS B 57 -16.67 -14.43 -18.59
N LEU B 58 -16.60 -14.01 -17.32
CA LEU B 58 -16.13 -14.93 -16.26
C LEU B 58 -16.88 -16.26 -16.38
N LYS B 59 -18.21 -16.18 -16.33
CA LYS B 59 -19.07 -17.34 -16.27
C LYS B 59 -18.85 -18.22 -17.52
N LEU B 60 -18.69 -17.60 -18.70
CA LEU B 60 -18.40 -18.34 -19.92
C LEU B 60 -17.00 -19.00 -19.84
N ALA B 61 -16.07 -18.37 -19.12
CA ALA B 61 -14.72 -18.92 -18.95
C ALA B 61 -14.77 -20.16 -18.05
N ASP B 62 -15.64 -20.15 -17.03
CA ASP B 62 -15.85 -21.36 -16.18
C ASP B 62 -16.39 -22.53 -17.04
N LYS B 63 -17.30 -22.20 -17.97
CA LYS B 63 -17.99 -23.18 -18.81
C LYS B 63 -17.04 -23.75 -19.87
N LEU B 64 -16.25 -22.90 -20.53
CA LEU B 64 -15.32 -23.36 -21.58
C LEU B 64 -14.14 -24.09 -20.95
N LYS B 65 -13.73 -23.70 -19.74
CA LYS B 65 -12.74 -24.49 -19.01
C LYS B 65 -13.20 -25.95 -18.87
N GLU B 66 -14.45 -26.18 -18.49
CA GLU B 66 -14.92 -27.56 -18.30
C GLU B 66 -15.03 -28.28 -19.65
N GLU B 67 -15.36 -27.57 -20.73
CA GLU B 67 -15.34 -28.15 -22.10
C GLU B 67 -13.89 -28.56 -22.44
N VAL B 68 -12.92 -27.69 -22.13
CA VAL B 68 -11.50 -27.94 -22.47
C VAL B 68 -11.01 -29.11 -21.62
N LYS B 69 -11.53 -29.28 -20.41
CA LYS B 69 -11.10 -30.40 -19.56
C LYS B 69 -11.44 -31.73 -20.24
N SER B 70 -12.69 -31.85 -20.67
CA SER B 70 -13.15 -33.05 -21.38
C SER B 70 -12.33 -33.25 -22.66
N LEU B 71 -12.03 -32.18 -23.37
CA LEU B 71 -11.22 -32.30 -24.60
C LEU B 71 -9.91 -33.01 -24.28
N ILE B 72 -9.23 -32.57 -23.22
CA ILE B 72 -7.94 -33.14 -22.84
C ILE B 72 -8.11 -34.61 -22.40
N LYS B 73 -9.29 -34.97 -21.88
CA LYS B 73 -9.53 -36.32 -21.31
C LYS B 73 -10.16 -37.27 -22.34
N GLN B 74 -10.81 -36.76 -23.40
CA GLN B 74 -11.51 -37.65 -24.35
C GLN B 74 -10.48 -38.43 -25.16
N THR B 75 -10.67 -39.75 -25.24
CA THR B 75 -9.74 -40.63 -25.96
C THR B 75 -9.48 -40.05 -27.34
N MET B 76 -8.21 -39.96 -27.70
CA MET B 76 -7.82 -39.67 -29.08
C MET B 76 -6.62 -40.56 -29.43
N GLU B 77 -6.27 -40.58 -30.70
CA GLU B 77 -5.05 -41.22 -31.10
C GLU B 77 -3.90 -40.59 -30.30
N PRO B 78 -2.93 -41.40 -29.87
CA PRO B 78 -1.87 -40.92 -29.01
C PRO B 78 -1.16 -39.69 -29.58
N LEU B 79 -1.01 -39.61 -30.92
CA LEU B 79 -0.32 -38.47 -31.52
C LEU B 79 -1.19 -37.20 -31.40
N THR B 80 -2.48 -37.32 -31.74
CA THR B 80 -3.44 -36.20 -31.66
C THR B 80 -3.49 -35.67 -30.22
N LYS B 81 -3.31 -36.59 -29.27
CA LYS B 81 -3.31 -36.31 -27.82
C LYS B 81 -2.11 -35.43 -27.43
N LEU B 82 -0.92 -35.84 -27.86
CA LEU B 82 0.30 -35.08 -27.54
C LEU B 82 0.19 -33.68 -28.17
N GLU B 83 -0.35 -33.61 -29.38
CA GLU B 83 -0.38 -32.33 -30.10
C GLU B 83 -1.36 -31.39 -29.39
N PHE B 84 -2.41 -32.01 -28.85
CA PHE B 84 -3.48 -31.27 -28.19
C PHE B 84 -2.92 -30.69 -26.90
N ILE B 85 -2.17 -31.48 -26.13
CA ILE B 85 -1.68 -30.92 -24.82
C ILE B 85 -0.47 -30.00 -25.04
N ASP B 86 0.36 -30.24 -26.06
CA ASP B 86 1.39 -29.24 -26.42
C ASP B 86 0.73 -27.91 -26.77
N THR B 87 -0.41 -28.00 -27.46
CA THR B 87 -1.12 -26.80 -27.85
C THR B 87 -1.58 -26.06 -26.59
N VAL B 88 -2.15 -26.82 -25.67
CA VAL B 88 -2.66 -26.24 -24.39
C VAL B 88 -1.49 -25.54 -23.69
N ARG B 89 -0.34 -26.20 -23.66
CA ARG B 89 0.85 -25.63 -23.06
C ARG B 89 1.20 -24.30 -23.74
N ARG B 90 1.24 -24.25 -25.06
CA ARG B 90 1.75 -23.06 -25.71
C ARG B 90 0.76 -21.89 -25.65
N LEU B 91 -0.52 -22.20 -25.51
CA LEU B 91 -1.58 -21.17 -25.26
C LEU B 91 -1.51 -20.63 -23.82
N GLY B 92 -0.59 -21.16 -23.04
CA GLY B 92 -0.29 -20.67 -21.71
C GLY B 92 -1.30 -21.14 -20.70
N LEU B 93 -1.94 -22.29 -20.97
CA LEU B 93 -3.13 -22.75 -20.22
C LEU B 93 -2.79 -23.97 -19.38
N LYS B 94 -1.55 -24.46 -19.45
CA LYS B 94 -1.18 -25.67 -18.72
C LYS B 94 -1.49 -25.50 -17.23
N TYR B 95 -1.31 -24.27 -16.68
CA TYR B 95 -1.54 -24.00 -15.23
C TYR B 95 -3.00 -24.24 -14.81
N GLN B 96 -3.94 -24.19 -15.77
CA GLN B 96 -5.38 -24.46 -15.49
C GLN B 96 -5.67 -25.96 -15.51
N PHE B 97 -4.79 -26.77 -16.10
CA PHE B 97 -5.11 -28.18 -16.45
C PHE B 97 -3.94 -29.12 -16.12
N GLU B 98 -3.26 -28.89 -14.99
CA GLU B 98 -2.02 -29.62 -14.67
C GLU B 98 -2.33 -31.11 -14.44
N THR B 99 -3.46 -31.44 -13.83
CA THR B 99 -3.78 -32.84 -13.55
C THR B 99 -4.16 -33.56 -14.87
N GLU B 100 -5.03 -32.94 -15.66
CA GLU B 100 -5.52 -33.49 -16.93
C GLU B 100 -4.34 -33.64 -17.93
N VAL B 101 -3.38 -32.71 -17.92
CA VAL B 101 -2.23 -32.77 -18.86
C VAL B 101 -1.28 -33.89 -18.45
N LYS B 102 -0.94 -33.96 -17.15
CA LYS B 102 -0.06 -35.02 -16.62
C LYS B 102 -0.62 -36.42 -16.94
N GLU B 103 -1.91 -36.60 -16.65
CA GLU B 103 -2.54 -37.91 -16.79
C GLU B 103 -2.67 -38.24 -18.28
N ALA B 104 -2.96 -37.22 -19.11
CA ALA B 104 -2.85 -37.37 -20.57
C ALA B 104 -1.44 -37.86 -20.95
N VAL B 105 -0.36 -37.20 -20.49
CA VAL B 105 1.04 -37.55 -20.89
C VAL B 105 1.43 -38.93 -20.34
N VAL B 106 0.92 -39.27 -19.16
CA VAL B 106 1.19 -40.58 -18.54
C VAL B 106 0.46 -41.68 -19.36
N MET B 107 -0.78 -41.43 -19.78
CA MET B 107 -1.53 -42.42 -20.60
C MET B 107 -0.79 -42.69 -21.92
N VAL B 108 -0.22 -41.66 -22.53
CA VAL B 108 0.51 -41.84 -23.77
C VAL B 108 1.72 -42.74 -23.51
N SER B 109 2.46 -42.45 -22.44
CA SER B 109 3.70 -43.18 -22.15
C SER B 109 3.40 -44.65 -21.80
N LYS B 110 2.16 -44.99 -21.47
CA LYS B 110 1.80 -46.38 -21.14
C LYS B 110 1.25 -47.10 -22.38
N TYR B 111 1.06 -46.36 -23.47
CA TYR B 111 0.51 -46.92 -24.71
C TYR B 111 1.51 -47.95 -25.26
N GLU B 112 1.07 -49.21 -25.29
CA GLU B 112 1.98 -50.37 -25.39
C GLU B 112 2.60 -50.43 -26.80
N ASN B 113 1.79 -50.15 -27.83
CA ASN B 113 2.20 -50.26 -29.22
C ASN B 113 2.94 -48.98 -29.66
N ASP B 114 4.13 -49.12 -30.24
CA ASP B 114 4.93 -47.98 -30.69
C ASP B 114 4.77 -47.63 -32.17
N ALA B 115 3.84 -48.26 -32.89
CA ALA B 115 3.78 -48.06 -34.36
C ALA B 115 3.35 -46.63 -34.71
N TRP B 116 2.62 -45.96 -33.84
CA TRP B 116 2.13 -44.60 -34.13
C TRP B 116 3.27 -43.57 -34.23
N TRP B 117 4.41 -43.79 -33.55
CA TRP B 117 5.54 -42.81 -33.60
C TRP B 117 6.78 -43.34 -34.32
N ILE B 118 7.01 -44.67 -34.29
CA ILE B 118 8.19 -45.30 -34.90
C ILE B 118 8.26 -44.91 -36.39
N ASP B 119 9.44 -44.47 -36.81
CA ASP B 119 9.73 -43.95 -38.15
C ASP B 119 9.02 -42.67 -38.57
N ASN B 120 8.31 -42.01 -37.63
CA ASN B 120 7.70 -40.74 -37.89
C ASN B 120 8.49 -39.68 -37.14
N LEU B 121 9.17 -38.79 -37.86
CA LEU B 121 10.15 -37.88 -37.22
C LEU B 121 9.47 -36.85 -36.29
N HIS B 122 8.39 -36.21 -36.77
CA HIS B 122 7.52 -35.34 -35.95
C HIS B 122 7.07 -36.07 -34.67
N ALA B 123 6.50 -37.28 -34.82
CA ALA B 123 5.87 -38.03 -33.69
C ALA B 123 6.92 -38.50 -32.66
N THR B 124 7.99 -39.12 -33.14
CA THR B 124 9.17 -39.47 -32.30
C THR B 124 9.68 -38.25 -31.49
N SER B 125 9.69 -37.08 -32.14
CA SER B 125 10.36 -35.89 -31.60
C SER B 125 9.45 -35.24 -30.56
N LEU B 126 8.13 -35.16 -30.88
CA LEU B 126 7.15 -34.57 -29.94
C LEU B 126 7.05 -35.47 -28.70
N ARG B 127 6.98 -36.79 -28.90
CA ARG B 127 6.91 -37.74 -27.77
C ARG B 127 8.13 -37.57 -26.84
N PHE B 128 9.33 -37.49 -27.43
CA PHE B 128 10.57 -37.26 -26.68
C PHE B 128 10.46 -36.02 -25.78
N ARG B 129 10.06 -34.90 -26.39
CA ARG B 129 10.08 -33.61 -25.71
C ARG B 129 9.00 -33.60 -24.63
N ILE B 130 7.78 -34.03 -24.99
CA ILE B 130 6.63 -33.90 -24.03
C ILE B 130 6.85 -34.85 -22.85
N MET B 131 7.32 -36.06 -23.12
CA MET B 131 7.71 -36.99 -22.01
C MET B 131 8.82 -36.39 -21.14
N ARG B 132 9.91 -35.89 -21.71
CA ARG B 132 10.97 -35.30 -20.86
C ARG B 132 10.46 -34.09 -20.06
N GLU B 133 9.56 -33.33 -20.71
CA GLU B 133 9.00 -32.12 -20.11
C GLU B 133 8.23 -32.47 -18.83
N ASN B 134 7.71 -33.69 -18.82
CA ASN B 134 6.92 -34.15 -17.71
C ASN B 134 7.70 -35.14 -16.84
N GLY B 135 9.03 -35.18 -16.95
CA GLY B 135 9.90 -35.94 -16.07
C GLY B 135 9.91 -37.43 -16.36
N ILE B 136 9.36 -37.83 -17.51
CA ILE B 136 9.44 -39.22 -17.95
C ILE B 136 10.60 -39.34 -18.95
N PHE B 137 11.61 -40.14 -18.60
CA PHE B 137 12.81 -40.24 -19.41
C PHE B 137 12.51 -40.98 -20.70
N VAL B 138 13.05 -40.40 -21.77
CA VAL B 138 13.13 -41.03 -23.07
C VAL B 138 14.59 -40.96 -23.53
N PRO B 139 15.10 -42.10 -24.09
CA PRO B 139 16.46 -42.10 -24.45
C PRO B 139 16.64 -41.41 -25.80
N GLN B 140 17.81 -40.81 -25.99
CA GLN B 140 18.16 -40.12 -27.21
C GLN B 140 18.10 -41.12 -28.39
N ASP B 141 18.11 -42.43 -28.06
CA ASP B 141 18.07 -43.47 -29.08
C ASP B 141 16.72 -43.64 -29.76
N VAL B 142 15.66 -42.92 -29.32
CA VAL B 142 14.36 -42.98 -30.05
C VAL B 142 14.49 -42.34 -31.44
N PHE B 143 15.66 -41.74 -31.74
CA PHE B 143 15.93 -41.00 -32.99
C PHE B 143 16.92 -41.79 -33.87
N GLU B 144 17.05 -43.08 -33.58
CA GLU B 144 18.02 -43.91 -34.30
C GLU B 144 17.46 -44.26 -35.69
N ARG B 145 16.15 -44.29 -35.79
CA ARG B 145 15.42 -44.59 -36.99
C ARG B 145 15.67 -43.54 -38.09
N PHE B 146 16.10 -42.34 -37.68
CA PHE B 146 16.29 -41.18 -38.57
C PHE B 146 17.79 -40.98 -38.84
N LYS B 147 18.63 -41.88 -38.34
CA LYS B 147 20.06 -41.64 -38.48
C LYS B 147 20.79 -42.96 -38.72
N ASP B 148 22.03 -42.81 -39.17
CA ASP B 148 22.98 -43.91 -39.24
C ASP B 148 24.35 -43.36 -38.74
N THR B 149 25.43 -44.08 -39.00
CA THR B 149 26.71 -43.81 -38.33
C THR B 149 27.39 -42.54 -38.89
N ASP B 150 26.84 -42.02 -39.98
CA ASP B 150 27.30 -40.81 -40.61
C ASP B 150 26.41 -39.60 -40.22
N GLY B 151 25.40 -39.84 -39.37
CA GLY B 151 24.49 -38.81 -38.84
C GLY B 151 23.09 -38.90 -39.41
N PHE B 152 22.36 -37.81 -39.25
CA PHE B 152 20.97 -37.78 -39.73
C PHE B 152 20.97 -37.82 -41.26
N LYS B 153 20.06 -38.64 -41.78
CA LYS B 153 19.94 -38.90 -43.21
C LYS B 153 19.45 -37.63 -43.92
N ASN B 154 20.23 -37.11 -44.86
CA ASN B 154 19.99 -35.76 -45.43
C ASN B 154 18.67 -35.74 -46.21
N GLN B 155 17.96 -36.87 -46.25
CA GLN B 155 16.65 -37.01 -46.91
C GLN B 155 15.53 -36.35 -46.08
N LEU B 156 15.76 -35.99 -44.81
CA LEU B 156 14.67 -35.42 -43.96
C LEU B 156 14.55 -33.91 -44.15
N CYS B 157 15.23 -33.33 -45.16
CA CYS B 157 15.45 -31.86 -45.33
C CYS B 157 14.20 -31.14 -45.84
N GLU B 158 13.20 -31.89 -46.31
CA GLU B 158 11.95 -31.31 -46.80
C GLU B 158 10.78 -31.74 -45.92
N ASP B 159 11.01 -32.54 -44.87
CA ASP B 159 9.98 -32.81 -43.84
C ASP B 159 10.03 -31.72 -42.75
N VAL B 160 9.48 -30.56 -43.07
CA VAL B 160 9.69 -29.33 -42.29
C VAL B 160 9.15 -29.49 -40.86
N LYS B 161 7.97 -30.07 -40.73
CA LYS B 161 7.30 -30.28 -39.47
C LYS B 161 8.18 -31.14 -38.57
N GLY B 162 8.59 -32.28 -39.12
CA GLY B 162 9.51 -33.18 -38.38
C GLY B 162 10.81 -32.51 -38.02
N LEU B 163 11.38 -31.72 -38.94
CA LEU B 163 12.61 -30.99 -38.64
C LEU B 163 12.34 -30.00 -37.51
N LEU B 164 11.13 -29.43 -37.49
CA LEU B 164 10.91 -28.39 -36.45
C LEU B 164 10.75 -29.08 -35.09
N SER B 165 9.93 -30.15 -35.06
CA SER B 165 9.68 -30.95 -33.87
C SER B 165 10.98 -31.56 -33.34
N LEU B 166 11.85 -32.00 -34.24
CA LEU B 166 13.19 -32.48 -33.86
C LEU B 166 14.05 -31.40 -33.20
N TYR B 167 14.19 -30.24 -33.91
CA TYR B 167 14.86 -29.03 -33.40
C TYR B 167 14.36 -28.70 -31.96
N GLU B 168 13.06 -28.56 -31.76
CA GLU B 168 12.44 -28.13 -30.41
C GLU B 168 12.74 -29.21 -29.34
N ALA B 169 12.63 -30.47 -29.76
CA ALA B 169 12.87 -31.61 -28.87
C ALA B 169 14.34 -31.67 -28.45
N SER B 170 15.28 -31.14 -29.25
CA SER B 170 16.73 -31.29 -28.96
C SER B 170 17.16 -30.54 -27.69
N PHE B 171 16.46 -29.43 -27.38
CA PHE B 171 16.82 -28.56 -26.23
C PHE B 171 16.41 -29.23 -24.88
N LEU B 172 15.71 -30.37 -24.95
CA LEU B 172 15.45 -31.19 -23.74
C LEU B 172 16.61 -32.12 -23.40
N GLY B 173 17.71 -32.10 -24.16
CA GLY B 173 18.86 -33.01 -23.91
C GLY B 173 19.69 -32.63 -22.71
N TRP B 174 20.48 -33.61 -22.19
CA TRP B 174 21.42 -33.47 -21.06
C TRP B 174 22.85 -33.53 -21.60
N GLU B 175 23.82 -33.29 -20.72
CA GLU B 175 25.20 -33.38 -21.16
C GLU B 175 25.52 -34.82 -21.60
N GLY B 176 26.37 -34.94 -22.61
CA GLY B 176 26.80 -36.23 -23.13
C GLY B 176 25.70 -36.94 -23.91
N GLU B 177 24.54 -36.31 -24.13
CA GLU B 177 23.59 -36.94 -25.03
C GLU B 177 23.86 -36.37 -26.44
N ASP B 178 24.84 -36.94 -27.12
CA ASP B 178 25.33 -36.45 -28.40
C ASP B 178 24.41 -36.52 -29.64
N ILE B 179 23.59 -37.53 -29.75
CA ILE B 179 22.58 -37.63 -30.83
C ILE B 179 21.67 -36.39 -30.78
N LEU B 180 21.46 -35.84 -29.57
CA LEU B 180 20.62 -34.65 -29.40
C LEU B 180 21.34 -33.39 -29.88
N ASP B 181 22.63 -33.26 -29.58
CA ASP B 181 23.42 -32.19 -30.18
C ASP B 181 23.46 -32.21 -31.71
N GLU B 182 23.66 -33.41 -32.27
CA GLU B 182 23.63 -33.57 -33.72
C GLU B 182 22.25 -33.18 -34.27
N ALA B 183 21.16 -33.61 -33.61
CA ALA B 183 19.80 -33.25 -34.02
C ALA B 183 19.72 -31.73 -34.21
N ARG B 184 20.13 -30.98 -33.20
CA ARG B 184 20.00 -29.52 -33.19
C ARG B 184 20.73 -28.93 -34.40
N THR B 185 22.01 -29.24 -34.54
CA THR B 185 22.82 -28.56 -35.56
C THR B 185 22.27 -28.97 -36.94
N PHE B 186 21.76 -30.21 -37.08
CA PHE B 186 21.19 -30.68 -38.34
C PHE B 186 19.83 -29.99 -38.63
N ALA B 187 18.89 -30.01 -37.68
CA ALA B 187 17.57 -29.43 -37.89
C ALA B 187 17.70 -27.93 -38.19
N THR B 188 18.62 -27.28 -37.48
CA THR B 188 18.86 -25.84 -37.58
C THR B 188 19.27 -25.49 -39.03
N SER B 189 20.26 -26.19 -39.58
CA SER B 189 20.70 -26.00 -40.99
C SER B 189 19.56 -26.28 -41.97
N LYS B 190 18.84 -27.41 -41.83
CA LYS B 190 17.76 -27.76 -42.81
C LYS B 190 16.55 -26.79 -42.74
N LEU B 191 16.23 -26.28 -41.54
CA LEU B 191 15.11 -25.36 -41.41
C LEU B 191 15.56 -24.00 -41.98
N LYS B 192 16.79 -23.57 -41.68
CA LYS B 192 17.32 -22.32 -42.26
C LYS B 192 17.24 -22.34 -43.80
N SER B 193 17.42 -23.51 -44.37
CA SER B 193 17.50 -23.66 -45.81
C SER B 193 16.12 -23.52 -46.46
N ILE B 194 15.03 -23.87 -45.78
CA ILE B 194 13.71 -23.86 -46.47
C ILE B 194 12.87 -22.63 -46.07
N GLU B 195 13.40 -21.70 -45.27
CA GLU B 195 12.53 -20.67 -44.63
C GLU B 195 11.71 -19.91 -45.68
N GLY B 196 12.31 -19.46 -46.79
CA GLY B 196 11.53 -18.72 -47.82
C GLY B 196 10.49 -19.59 -48.54
N LYS B 197 10.52 -20.89 -48.27
CA LYS B 197 9.95 -21.92 -49.13
C LYS B 197 8.84 -22.71 -48.41
N ILE B 198 8.24 -22.17 -47.35
CA ILE B 198 7.25 -22.98 -46.65
C ILE B 198 5.82 -22.50 -46.99
N PRO B 199 4.98 -23.39 -47.51
CA PRO B 199 3.61 -23.06 -47.98
C PRO B 199 2.57 -22.83 -46.86
N SER B 200 2.44 -23.78 -45.93
CA SER B 200 1.57 -23.64 -44.75
C SER B 200 1.87 -22.31 -44.04
N PRO B 201 0.87 -21.43 -43.91
CA PRO B 201 1.11 -20.17 -43.17
C PRO B 201 1.60 -20.37 -41.72
N SER B 202 0.90 -21.21 -40.94
CA SER B 202 1.18 -21.35 -39.53
C SER B 202 2.59 -21.94 -39.33
N LEU B 203 2.99 -22.91 -40.17
CA LEU B 203 4.33 -23.60 -40.01
C LEU B 203 5.48 -22.63 -40.34
N ALA B 204 5.33 -21.76 -41.33
CA ALA B 204 6.42 -20.82 -41.65
C ALA B 204 6.59 -19.82 -40.51
N LYS B 205 5.46 -19.45 -39.91
CA LYS B 205 5.51 -18.56 -38.74
C LYS B 205 6.34 -19.26 -37.64
N LYS B 206 6.01 -20.54 -37.43
CA LYS B 206 6.55 -21.33 -36.32
C LYS B 206 8.04 -21.56 -36.52
N VAL B 207 8.49 -21.84 -37.76
CA VAL B 207 9.93 -22.08 -38.02
C VAL B 207 10.72 -20.79 -37.79
N SER B 208 10.18 -19.65 -38.24
CA SER B 208 10.93 -18.41 -38.08
C SER B 208 11.17 -18.13 -36.60
N HIS B 209 10.09 -18.30 -35.87
CA HIS B 209 10.01 -18.05 -34.42
C HIS B 209 10.97 -18.99 -33.68
N ALA B 210 10.92 -20.26 -34.01
CA ALA B 210 11.81 -21.28 -33.34
C ALA B 210 13.30 -20.99 -33.58
N LEU B 211 13.68 -20.48 -34.77
CA LEU B 211 15.11 -20.23 -35.08
C LEU B 211 15.61 -18.99 -34.33
N ASP B 212 14.78 -17.96 -34.10
CA ASP B 212 15.16 -16.96 -33.10
C ASP B 212 15.26 -17.59 -31.66
N LEU B 213 14.25 -18.34 -31.22
CA LEU B 213 14.38 -18.95 -29.87
C LEU B 213 13.60 -20.25 -29.83
N PRO B 214 14.23 -21.33 -29.32
CA PRO B 214 13.43 -22.51 -29.17
C PRO B 214 12.29 -22.29 -28.15
N LEU B 215 11.19 -23.00 -28.28
CA LEU B 215 10.11 -23.02 -27.30
C LEU B 215 10.65 -23.19 -25.89
N HIS B 216 11.57 -24.14 -25.69
CA HIS B 216 12.10 -24.45 -24.33
C HIS B 216 12.73 -23.23 -23.64
N TRP B 217 13.17 -22.26 -24.45
CA TRP B 217 13.89 -21.11 -23.93
C TRP B 217 13.00 -19.87 -23.86
N ARG B 218 11.73 -19.99 -24.18
CA ARG B 218 10.85 -18.80 -24.30
C ARG B 218 10.02 -18.72 -23.00
N THR B 219 9.46 -17.54 -22.69
CA THR B 219 8.64 -17.43 -21.52
C THR B 219 7.30 -18.05 -21.84
N ILE B 220 6.59 -18.50 -20.80
CA ILE B 220 5.24 -19.01 -20.97
C ILE B 220 4.26 -17.86 -21.38
N ARG B 221 4.30 -16.73 -20.64
CA ARG B 221 3.22 -15.77 -20.82
C ARG B 221 3.35 -14.99 -22.16
N TYR B 222 4.56 -14.53 -22.49
CA TYR B 222 4.73 -13.77 -23.76
C TYR B 222 4.49 -14.71 -24.97
N GLU B 223 4.83 -16.00 -24.84
CA GLU B 223 4.62 -16.98 -25.93
C GLU B 223 3.13 -17.25 -26.11
N ALA B 224 2.41 -17.22 -25.01
CA ALA B 224 1.01 -17.55 -25.10
C ALA B 224 0.35 -16.49 -26.01
N ARG B 225 0.73 -15.23 -25.86
CA ARG B 225 0.03 -14.16 -26.65
C ARG B 225 0.35 -14.32 -28.14
N TRP B 226 1.61 -14.65 -28.42
CA TRP B 226 2.07 -14.88 -29.80
C TRP B 226 1.32 -16.06 -30.42
N PHE B 227 1.17 -17.14 -29.66
CA PHE B 227 0.68 -18.41 -30.16
C PHE B 227 -0.82 -18.37 -30.38
N ILE B 228 -1.53 -17.56 -29.61
CA ILE B 228 -2.99 -17.40 -29.81
C ILE B 228 -3.23 -16.97 -31.27
N ASP B 229 -2.40 -16.02 -31.74
CA ASP B 229 -2.52 -15.47 -33.10
C ASP B 229 -2.17 -16.51 -34.20
N THR B 230 -1.10 -17.30 -33.96
CA THR B 230 -0.62 -18.39 -34.85
C THR B 230 -1.56 -19.59 -34.83
N TYR B 231 -1.86 -20.12 -33.64
CA TYR B 231 -2.83 -21.21 -33.52
C TYR B 231 -4.11 -20.90 -34.34
N GLU B 232 -4.64 -19.68 -34.23
CA GLU B 232 -5.87 -19.33 -34.98
C GLU B 232 -5.65 -19.53 -36.50
N GLU B 233 -4.40 -19.45 -37.02
CA GLU B 233 -4.12 -19.74 -38.45
C GLU B 233 -4.03 -21.25 -38.76
N GLU B 234 -3.94 -22.12 -37.76
CA GLU B 234 -3.66 -23.53 -38.01
C GLU B 234 -4.85 -24.22 -38.65
N GLU B 235 -4.55 -25.25 -39.45
CA GLU B 235 -5.57 -26.06 -40.09
C GLU B 235 -6.41 -26.75 -39.01
N ASP B 236 -5.74 -27.28 -37.99
CA ASP B 236 -6.43 -28.13 -36.98
C ASP B 236 -6.87 -27.42 -35.68
N VAL B 237 -7.05 -26.09 -35.75
CA VAL B 237 -7.45 -25.26 -34.58
C VAL B 237 -8.77 -25.78 -33.99
N ASN B 238 -8.79 -26.02 -32.68
CA ASN B 238 -10.07 -26.32 -31.99
C ASN B 238 -10.64 -25.00 -31.45
N LEU B 239 -11.79 -24.58 -31.97
CA LEU B 239 -12.30 -23.20 -31.72
C LEU B 239 -12.76 -23.07 -30.25
N THR B 240 -13.17 -24.16 -29.62
CA THR B 240 -13.41 -24.16 -28.18
C THR B 240 -12.13 -23.77 -27.44
N LEU B 241 -11.01 -24.43 -27.78
CA LEU B 241 -9.71 -24.16 -27.10
C LEU B 241 -9.25 -22.72 -27.40
N LEU B 242 -9.26 -22.35 -28.68
CA LEU B 242 -8.88 -20.98 -29.05
C LEU B 242 -9.73 -19.94 -28.29
N ARG B 243 -11.05 -20.14 -28.23
CA ARG B 243 -11.97 -19.21 -27.54
C ARG B 243 -11.63 -19.15 -26.04
N TYR B 244 -11.41 -20.29 -25.40
CA TYR B 244 -11.04 -20.30 -23.96
C TYR B 244 -9.64 -19.67 -23.74
N ALA B 245 -8.68 -19.89 -24.66
CA ALA B 245 -7.32 -19.26 -24.57
C ALA B 245 -7.39 -17.72 -24.56
N LYS B 246 -8.24 -17.14 -25.40
CA LYS B 246 -8.36 -15.69 -25.47
C LYS B 246 -9.01 -15.17 -24.18
N LEU B 247 -10.09 -15.81 -23.77
CA LEU B 247 -10.88 -15.34 -22.62
C LEU B 247 -10.04 -15.49 -21.34
N ASP B 248 -9.33 -16.61 -21.18
CA ASP B 248 -8.45 -16.73 -20.01
C ASP B 248 -7.33 -15.68 -20.09
N PHE B 249 -6.81 -15.44 -21.28
CA PHE B 249 -5.67 -14.51 -21.32
C PHE B 249 -6.16 -13.11 -20.88
N ASN B 250 -7.32 -12.70 -21.32
CA ASN B 250 -7.84 -11.39 -20.89
C ASN B 250 -8.13 -11.38 -19.38
N ILE B 251 -8.62 -12.48 -18.83
CA ILE B 251 -8.94 -12.51 -17.38
C ILE B 251 -7.64 -12.35 -16.58
N VAL B 252 -6.65 -13.10 -17.00
CA VAL B 252 -5.37 -13.02 -16.35
C VAL B 252 -4.83 -11.61 -16.54
N GLN B 253 -4.93 -11.07 -17.74
CA GLN B 253 -4.43 -9.73 -18.03
C GLN B 253 -5.02 -8.75 -17.02
N SER B 254 -6.29 -8.92 -16.67
CA SER B 254 -6.95 -7.99 -15.77
C SER B 254 -6.27 -8.05 -14.38
N PHE B 255 -5.90 -9.26 -13.89
CA PHE B 255 -5.13 -9.40 -12.63
C PHE B 255 -3.84 -8.60 -12.71
N HIS B 256 -3.10 -8.74 -13.83
CA HIS B 256 -1.85 -8.03 -13.97
C HIS B 256 -2.01 -6.52 -13.97
N GLN B 257 -3.07 -6.01 -14.60
CA GLN B 257 -3.18 -4.56 -14.66
C GLN B 257 -3.36 -4.01 -13.23
N LYS B 258 -4.12 -4.67 -12.36
CA LYS B 258 -4.28 -4.22 -11.00
C LYS B 258 -2.92 -4.22 -10.30
N GLU B 259 -2.14 -5.27 -10.56
CA GLU B 259 -0.78 -5.36 -10.02
C GLU B 259 0.06 -4.16 -10.45
N ILE B 260 -0.04 -3.83 -11.72
CA ILE B 260 0.81 -2.72 -12.20
C ILE B 260 0.40 -1.34 -11.61
N GLY B 261 -0.89 -1.14 -11.44
CA GLY B 261 -1.38 0.10 -10.76
C GLY B 261 -0.76 0.27 -9.38
N ARG B 262 -0.87 -0.80 -8.60
CA ARG B 262 -0.36 -0.84 -7.22
C ARG B 262 1.14 -0.59 -7.19
N LEU B 263 1.89 -1.28 -8.05
CA LEU B 263 3.31 -1.14 -8.08
C LEU B 263 3.76 0.25 -8.52
N SER B 264 3.01 0.86 -9.44
CA SER B 264 3.39 2.17 -9.95
C SER B 264 3.15 3.25 -8.88
N ARG B 265 2.05 3.08 -8.19
CA ARG B 265 1.72 3.94 -7.03
C ARG B 265 2.82 3.84 -5.98
N TRP B 266 3.28 2.61 -5.64
CA TRP B 266 4.38 2.41 -4.77
C TRP B 266 5.62 3.19 -5.23
N TRP B 267 6.02 2.93 -6.49
CA TRP B 267 7.22 3.50 -7.10
C TRP B 267 7.20 5.03 -7.02
N VAL B 268 6.08 5.63 -7.42
CA VAL B 268 5.96 7.09 -7.34
C VAL B 268 6.07 7.56 -5.88
N GLY B 269 5.48 6.80 -4.97
CA GLY B 269 5.59 7.05 -3.51
C GLY B 269 7.03 7.02 -2.99
N THR B 270 7.90 6.22 -3.59
CA THR B 270 9.31 6.19 -3.17
C THR B 270 10.05 7.45 -3.65
N GLY B 271 9.52 8.11 -4.66
CA GLY B 271 10.20 9.24 -5.32
C GLY B 271 11.31 8.77 -6.27
N LEU B 272 11.55 7.49 -6.41
CA LEU B 272 12.66 7.02 -7.21
C LEU B 272 12.49 7.13 -8.72
N ASP B 273 11.29 7.49 -9.12
CA ASP B 273 11.02 7.66 -10.53
C ASP B 273 11.51 9.00 -11.00
N LYS B 274 11.70 9.92 -10.08
CA LYS B 274 12.23 11.21 -10.34
C LYS B 274 13.70 11.29 -10.07
N MET B 275 14.40 10.18 -9.94
CA MET B 275 15.83 10.27 -9.72
C MET B 275 16.48 10.40 -11.11
N PRO B 276 17.69 10.94 -11.17
CA PRO B 276 18.35 11.08 -12.45
C PRO B 276 19.27 9.92 -12.72
N PHE B 277 18.70 8.73 -12.83
CA PHE B 277 19.34 7.48 -13.16
C PHE B 277 18.23 6.49 -13.26
N ASN B 280 13.32 3.55 -16.91
CA ASN B 280 11.92 3.21 -16.74
C ASN B 280 11.72 2.54 -15.36
N GLY B 281 12.64 1.69 -14.94
CA GLY B 281 12.63 1.06 -13.61
C GLY B 281 11.60 0.01 -13.18
N LEU B 282 10.52 0.47 -12.58
CA LEU B 282 9.52 -0.44 -12.11
C LEU B 282 8.83 -1.23 -13.19
N ILE B 283 8.38 -0.55 -14.23
CA ILE B 283 7.66 -1.21 -15.29
C ILE B 283 8.48 -2.27 -16.02
N GLN B 284 9.74 -2.04 -16.17
CA GLN B 284 10.55 -2.99 -16.79
C GLN B 284 10.71 -4.20 -15.88
N SER B 285 10.90 -3.94 -14.58
CA SER B 285 11.13 -5.03 -13.63
C SER B 285 9.87 -5.88 -13.66
N TYR B 286 8.72 -5.23 -13.75
CA TYR B 286 7.51 -5.99 -13.75
C TYR B 286 7.40 -6.86 -15.01
N MET B 287 7.79 -6.30 -16.16
CA MET B 287 7.71 -7.07 -17.41
C MET B 287 8.55 -8.37 -17.34
N TYR B 288 9.74 -8.29 -16.78
CA TYR B 288 10.59 -9.47 -16.49
C TYR B 288 9.88 -10.46 -15.58
N ALA B 289 9.29 -9.97 -14.50
CA ALA B 289 8.70 -10.84 -13.52
C ALA B 289 7.55 -11.65 -14.13
N ILE B 290 6.80 -11.06 -15.07
CA ILE B 290 5.72 -11.79 -15.75
C ILE B 290 6.35 -12.99 -16.47
N GLY B 291 7.60 -12.85 -16.88
CA GLY B 291 8.29 -14.05 -17.45
C GLY B 291 8.63 -15.10 -16.40
N MET B 292 8.98 -14.65 -15.19
CA MET B 292 9.41 -15.55 -14.11
C MET B 292 8.15 -16.26 -13.61
N LEU B 293 7.07 -15.50 -13.41
CA LEU B 293 5.74 -16.09 -12.96
C LEU B 293 4.56 -15.18 -13.36
N PHE B 294 3.54 -15.75 -14.00
CA PHE B 294 2.43 -14.93 -14.49
C PHE B 294 1.13 -15.30 -13.73
N GLU B 295 1.11 -16.42 -13.04
CA GLU B 295 -0.23 -16.96 -12.60
C GLU B 295 -0.90 -15.99 -11.60
N PRO B 296 -2.20 -15.74 -11.75
CA PRO B 296 -2.97 -14.94 -10.75
C PRO B 296 -2.76 -15.35 -9.28
N ASN B 297 -2.68 -16.65 -9.02
CA ASN B 297 -2.53 -17.18 -7.64
C ASN B 297 -1.16 -16.84 -7.03
N LEU B 298 -0.16 -16.40 -7.81
CA LEU B 298 1.12 -15.97 -7.27
C LEU B 298 1.27 -14.44 -7.30
N GLY B 299 0.18 -13.69 -7.22
CA GLY B 299 0.24 -12.24 -7.46
C GLY B 299 1.14 -11.53 -6.47
N GLU B 300 0.95 -11.84 -5.19
CA GLU B 300 1.66 -11.11 -4.17
C GLU B 300 3.15 -11.34 -4.30
N VAL B 301 3.54 -12.59 -4.54
CA VAL B 301 4.95 -12.86 -4.71
C VAL B 301 5.50 -12.12 -5.92
N ARG B 302 4.75 -12.11 -7.03
CA ARG B 302 5.21 -11.40 -8.21
C ARG B 302 5.43 -9.89 -7.91
N GLU B 303 4.52 -9.29 -7.18
CA GLU B 303 4.70 -7.85 -6.89
C GLU B 303 5.99 -7.62 -6.09
N MET B 304 6.23 -8.46 -5.08
CA MET B 304 7.45 -8.28 -4.29
C MET B 304 8.70 -8.53 -5.14
N GLU B 305 8.67 -9.59 -5.96
CA GLU B 305 9.82 -9.78 -6.83
C GLU B 305 10.03 -8.56 -7.74
N ALA B 306 8.94 -8.01 -8.26
CA ALA B 306 9.09 -6.80 -9.12
C ALA B 306 9.71 -5.63 -8.36
N LYS B 307 9.29 -5.43 -7.11
CA LYS B 307 9.91 -4.37 -6.30
C LYS B 307 11.41 -4.57 -6.14
N VAL B 308 11.79 -5.78 -5.79
CA VAL B 308 13.20 -6.06 -5.62
C VAL B 308 13.88 -5.85 -6.97
N GLY B 309 13.26 -6.39 -7.99
CA GLY B 309 13.83 -6.20 -9.37
C GLY B 309 14.12 -4.72 -9.61
N ALA B 310 13.13 -3.88 -9.30
CA ALA B 310 13.27 -2.45 -9.59
C ALA B 310 14.37 -1.83 -8.74
N LEU B 311 14.55 -2.28 -7.50
CA LEU B 311 15.55 -1.72 -6.65
C LEU B 311 16.97 -2.16 -7.04
N ILE B 312 17.07 -3.39 -7.51
CA ILE B 312 18.39 -3.91 -7.97
C ILE B 312 18.89 -3.01 -9.09
N THR B 313 18.06 -2.79 -10.10
CA THR B 313 18.51 -2.00 -11.26
C THR B 313 18.87 -0.61 -10.74
N THR B 314 18.06 -0.08 -9.83
CA THR B 314 18.28 1.27 -9.34
C THR B 314 19.59 1.39 -8.55
N ILE B 315 19.86 0.42 -7.70
CA ILE B 315 20.97 0.59 -6.81
C ILE B 315 22.27 0.18 -7.56
N ASP B 316 22.13 -0.70 -8.54
CA ASP B 316 23.30 -1.05 -9.40
C ASP B 316 23.83 0.25 -10.01
N ASP B 317 22.93 1.06 -10.58
CA ASP B 317 23.27 2.41 -11.09
C ASP B 317 23.82 3.35 -10.04
N VAL B 318 23.32 3.30 -8.83
CA VAL B 318 23.90 4.10 -7.74
C VAL B 318 25.37 3.72 -7.51
N TYR B 319 25.64 2.42 -7.55
CA TYR B 319 27.00 1.94 -7.24
C TYR B 319 27.89 2.13 -8.48
N ASP B 320 27.33 1.85 -9.65
CA ASP B 320 28.10 1.88 -10.89
C ASP B 320 28.52 3.28 -11.37
N VAL B 321 27.74 4.29 -11.05
CA VAL B 321 27.89 5.62 -11.67
C VAL B 321 27.82 6.73 -10.61
N TYR B 322 26.78 6.71 -9.78
CA TYR B 322 26.33 7.94 -9.16
C TYR B 322 27.07 8.21 -7.84
N GLY B 323 27.21 7.19 -7.01
CA GLY B 323 27.76 7.40 -5.68
C GLY B 323 29.26 7.55 -5.70
N THR B 324 29.79 8.39 -4.81
CA THR B 324 31.22 8.40 -4.52
C THR B 324 31.59 7.10 -3.79
N MET B 325 32.91 6.88 -3.67
CA MET B 325 33.49 5.79 -2.91
C MET B 325 33.06 5.84 -1.44
N GLU B 326 33.16 7.01 -0.84
CA GLU B 326 32.87 7.18 0.58
C GLU B 326 31.36 6.96 0.86
N GLU B 327 30.52 7.40 -0.07
CA GLU B 327 29.09 7.21 0.08
C GLU B 327 28.76 5.71 0.02
N LEU B 328 29.36 5.01 -0.95
CA LEU B 328 29.04 3.61 -1.16
C LEU B 328 29.46 2.77 0.06
N GLU B 329 30.39 3.27 0.87
CA GLU B 329 30.90 2.46 1.98
C GLU B 329 30.00 2.64 3.23
N LEU B 330 29.34 3.80 3.34
CA LEU B 330 28.31 4.05 4.36
C LEU B 330 27.05 3.23 4.01
N PHE B 331 26.60 3.33 2.76
CA PHE B 331 25.47 2.56 2.25
C PHE B 331 25.71 1.08 2.56
N THR B 332 26.91 0.61 2.20
CA THR B 332 27.28 -0.78 2.44
C THR B 332 27.25 -1.09 3.93
N ASP B 333 27.79 -0.20 4.75
CA ASP B 333 27.88 -0.40 6.19
C ASP B 333 26.48 -0.41 6.82
N ILE B 334 25.67 0.56 6.43
CA ILE B 334 24.30 0.66 6.94
C ILE B 334 23.59 -0.66 6.66
N THR B 335 23.72 -1.17 5.43
CA THR B 335 23.09 -2.40 5.02
C THR B 335 23.59 -3.57 5.87
N ASN B 336 24.88 -3.62 6.14
CA ASN B 336 25.44 -4.82 6.74
C ASN B 336 24.97 -4.92 8.19
N ARG B 337 24.84 -3.76 8.82
CA ARG B 337 24.44 -3.65 10.22
C ARG B 337 22.92 -3.48 10.35
N TRP B 338 22.19 -3.37 9.23
CA TRP B 338 20.73 -3.08 9.24
C TRP B 338 20.42 -2.00 10.29
N ASP B 339 21.14 -0.90 10.18
CA ASP B 339 21.10 0.21 11.12
C ASP B 339 21.16 1.51 10.30
N ILE B 340 20.04 2.24 10.27
CA ILE B 340 19.90 3.43 9.45
C ILE B 340 20.20 4.70 10.25
N SER B 341 20.80 4.56 11.42
CA SER B 341 21.12 5.73 12.26
C SER B 341 21.90 6.82 11.50
N LYS B 342 22.80 6.42 10.59
CA LYS B 342 23.69 7.37 9.88
C LYS B 342 23.21 7.67 8.45
N ALA B 343 21.98 7.27 8.09
CA ALA B 343 21.46 7.53 6.73
C ALA B 343 21.56 9.02 6.37
N ASP B 344 21.43 9.87 7.39
CA ASP B 344 21.37 11.29 7.16
C ASP B 344 22.71 11.88 6.69
N GLN B 345 23.78 11.10 6.72
CA GLN B 345 25.08 11.52 6.17
C GLN B 345 25.11 11.31 4.65
N LEU B 346 24.19 10.51 4.10
CA LEU B 346 24.04 10.41 2.66
C LEU B 346 23.18 11.57 2.15
N PRO B 347 23.53 12.08 0.96
CA PRO B 347 22.66 13.06 0.36
C PRO B 347 21.41 12.38 -0.19
N ARG B 348 20.41 13.20 -0.45
CA ARG B 348 19.07 12.80 -0.80
C ARG B 348 19.04 11.66 -1.82
N ASN B 349 19.74 11.82 -2.93
CA ASN B 349 19.55 10.94 -4.07
C ASN B 349 20.22 9.57 -3.82
N ILE B 350 21.02 9.46 -2.76
CA ILE B 350 21.59 8.20 -2.30
C ILE B 350 20.74 7.66 -1.13
N ARG B 351 20.27 8.55 -0.26
CA ARG B 351 19.52 8.15 0.94
C ARG B 351 18.18 7.53 0.55
N MET B 352 17.58 8.05 -0.50
CA MET B 352 16.25 7.56 -0.89
C MET B 352 16.35 6.13 -1.39
N PRO B 353 17.29 5.79 -2.31
CA PRO B 353 17.36 4.37 -2.63
C PRO B 353 17.68 3.47 -1.43
N LEU B 354 18.54 3.92 -0.55
CA LEU B 354 18.94 3.11 0.57
C LEU B 354 17.73 2.85 1.49
N LEU B 355 17.05 3.93 1.88
CA LEU B 355 15.90 3.77 2.81
C LEU B 355 14.80 3.00 2.09
N THR B 356 14.67 3.10 0.76
CA THR B 356 13.66 2.34 0.08
C THR B 356 14.03 0.85 0.13
N MET B 357 15.31 0.53 -0.10
CA MET B 357 15.78 -0.84 0.00
C MET B 357 15.50 -1.46 1.39
N PHE B 358 15.83 -0.72 2.39
CA PHE B 358 15.60 -1.07 3.83
C PHE B 358 14.11 -1.28 4.10
N ASN B 359 13.30 -0.25 3.77
CA ASN B 359 11.85 -0.35 4.01
C ASN B 359 11.22 -1.51 3.24
N THR B 360 11.57 -1.73 1.96
CA THR B 360 10.97 -2.75 1.18
C THR B 360 11.48 -4.12 1.67
N SER B 361 12.73 -4.20 2.09
CA SER B 361 13.24 -5.50 2.56
C SER B 361 12.54 -5.88 3.86
N ASN B 362 12.30 -4.87 4.70
CA ASN B 362 11.53 -5.03 5.94
C ASN B 362 10.12 -5.48 5.59
N ASP B 363 9.44 -4.83 4.62
CA ASP B 363 8.14 -5.27 4.20
C ASP B 363 8.07 -6.70 3.71
N ILE B 364 9.04 -7.12 2.91
CA ILE B 364 8.98 -8.45 2.30
C ILE B 364 9.27 -9.49 3.41
N GLY B 365 10.24 -9.20 4.22
CA GLY B 365 10.54 -10.06 5.40
C GLY B 365 9.32 -10.22 6.29
N TYR B 366 8.62 -9.12 6.51
CA TYR B 366 7.44 -9.11 7.32
C TYR B 366 6.32 -9.93 6.69
N TRP B 367 6.14 -9.82 5.35
CA TRP B 367 5.16 -10.61 4.66
C TRP B 367 5.42 -12.10 4.92
N ALA B 368 6.67 -12.50 4.93
CA ALA B 368 6.99 -13.89 5.24
C ALA B 368 6.51 -14.25 6.66
N LEU B 369 6.66 -13.36 7.63
CA LEU B 369 6.15 -13.65 8.99
C LEU B 369 4.64 -13.81 8.99
N LYS B 370 3.95 -12.84 8.41
CA LYS B 370 2.53 -12.80 8.42
C LYS B 370 1.92 -14.02 7.73
N GLU B 371 2.41 -14.31 6.53
CA GLU B 371 1.79 -15.26 5.64
C GLU B 371 2.45 -16.64 5.78
N ARG B 372 3.74 -16.70 6.03
CA ARG B 372 4.50 -17.96 5.97
C ARG B 372 5.03 -18.38 7.35
N GLY B 373 4.85 -17.53 8.36
CA GLY B 373 5.17 -17.92 9.75
C GLY B 373 6.64 -17.80 10.07
N PHE B 374 7.39 -17.12 9.23
CA PHE B 374 8.79 -17.04 9.39
C PHE B 374 9.26 -15.61 9.08
N ASN B 375 9.82 -14.91 10.07
CA ASN B 375 10.40 -13.59 9.85
C ASN B 375 11.54 -13.62 8.82
N GLY B 376 11.31 -13.05 7.63
CA GLY B 376 12.29 -13.10 6.58
C GLY B 376 13.18 -11.90 6.49
N ILE B 377 13.19 -10.97 7.47
CA ILE B 377 14.02 -9.79 7.39
C ILE B 377 15.51 -10.16 7.49
N PRO B 378 15.86 -11.11 8.34
CA PRO B 378 17.29 -11.42 8.29
C PRO B 378 17.76 -11.91 6.91
N CYS B 379 16.92 -12.65 6.23
CA CYS B 379 17.21 -13.22 4.91
C CYS B 379 17.31 -12.12 3.86
N THR B 380 16.36 -11.18 3.83
CA THR B 380 16.39 -10.13 2.83
C THR B 380 17.56 -9.19 3.10
N ALA B 381 17.86 -8.88 4.38
CA ALA B 381 19.01 -8.05 4.74
C ALA B 381 20.31 -8.73 4.24
N LYS B 382 20.36 -10.03 4.35
CA LYS B 382 21.59 -10.77 3.96
C LYS B 382 21.74 -10.76 2.44
N VAL B 383 20.71 -11.14 1.67
CA VAL B 383 20.85 -11.17 0.20
C VAL B 383 21.21 -9.76 -0.27
N TRP B 384 20.68 -8.72 0.38
CA TRP B 384 21.11 -7.35 0.03
C TRP B 384 22.58 -7.13 0.40
N SER B 385 22.99 -7.45 1.60
CA SER B 385 24.39 -7.30 1.92
C SER B 385 25.27 -8.05 0.87
N ASP B 386 24.87 -9.24 0.40
CA ASP B 386 25.69 -9.96 -0.62
C ASP B 386 25.68 -9.24 -1.99
N GLN B 387 24.52 -8.73 -2.38
CA GLN B 387 24.36 -8.00 -3.64
C GLN B 387 25.36 -6.85 -3.69
N LEU B 388 25.55 -6.16 -2.58
CA LEU B 388 26.29 -4.91 -2.61
C LEU B 388 27.79 -5.23 -2.75
N LYS B 389 28.20 -6.36 -2.18
CA LYS B 389 29.60 -6.77 -2.23
C LYS B 389 29.96 -7.10 -3.69
N SER B 390 29.08 -7.88 -4.29
CA SER B 390 28.95 -8.02 -5.72
C SER B 390 29.33 -6.71 -6.40
N TYR B 391 28.65 -5.63 -6.05
CA TYR B 391 28.91 -4.34 -6.67
C TYR B 391 30.23 -3.76 -6.17
N THR B 392 30.61 -4.02 -4.91
CA THR B 392 31.88 -3.45 -4.40
C THR B 392 33.03 -4.13 -5.15
N LYS B 393 32.84 -5.39 -5.51
CA LYS B 393 33.92 -6.19 -6.11
C LYS B 393 34.17 -5.71 -7.55
N GLU B 394 33.12 -5.47 -8.33
CA GLU B 394 33.29 -5.25 -9.77
C GLU B 394 33.75 -3.81 -10.01
N ALA B 395 33.58 -2.93 -9.01
CA ALA B 395 34.12 -1.57 -9.07
C ALA B 395 35.59 -1.57 -8.62
N LYS B 396 35.95 -2.46 -7.70
CA LYS B 396 37.36 -2.65 -7.32
C LYS B 396 38.18 -3.16 -8.51
N TRP B 397 37.65 -4.16 -9.22
CA TRP B 397 38.30 -4.75 -10.41
C TRP B 397 38.42 -3.70 -11.54
N PHE B 398 37.53 -2.71 -11.54
CA PHE B 398 37.59 -1.62 -12.54
C PHE B 398 38.72 -0.64 -12.18
N HIS B 399 38.70 -0.08 -10.97
CA HIS B 399 39.73 0.88 -10.56
C HIS B 399 41.09 0.16 -10.39
N GLU B 400 41.09 -1.05 -9.84
CA GLU B 400 42.32 -1.82 -9.52
C GLU B 400 42.94 -2.44 -10.79
N GLY B 401 42.38 -2.17 -11.97
CA GLY B 401 42.95 -2.66 -13.23
C GLY B 401 43.18 -4.17 -13.24
N HIS B 402 42.42 -4.93 -12.44
CA HIS B 402 42.48 -6.40 -12.47
C HIS B 402 41.57 -6.93 -13.58
N LYS B 403 42.09 -7.89 -14.34
CA LYS B 403 41.29 -8.71 -15.23
C LYS B 403 41.09 -10.07 -14.55
N PRO B 404 39.83 -10.55 -14.47
CA PRO B 404 39.59 -11.87 -13.91
C PRO B 404 39.46 -12.95 -14.99
N THR B 405 39.72 -14.18 -14.59
CA THR B 405 39.30 -15.33 -15.38
C THR B 405 37.78 -15.32 -15.44
N LEU B 406 37.24 -15.86 -16.52
CA LEU B 406 35.80 -16.01 -16.72
C LEU B 406 35.17 -16.72 -15.51
N GLU B 407 35.86 -17.72 -14.96
CA GLU B 407 35.42 -18.41 -13.75
C GLU B 407 35.33 -17.42 -12.57
N GLU B 408 36.36 -16.62 -12.36
CA GLU B 408 36.35 -15.67 -11.23
C GLU B 408 35.28 -14.59 -11.46
N TYR B 409 35.21 -14.07 -12.69
CA TYR B 409 34.26 -13.00 -12.99
C TYR B 409 32.83 -13.51 -12.87
N LEU B 410 32.53 -14.69 -13.42
CA LEU B 410 31.14 -15.22 -13.32
C LEU B 410 30.79 -15.53 -11.86
N ASP B 411 31.79 -15.86 -11.04
CA ASP B 411 31.53 -16.11 -9.63
C ASP B 411 30.89 -14.89 -9.01
N ASN B 412 31.30 -13.73 -9.49
CA ASN B 412 30.81 -12.50 -8.91
C ASN B 412 29.61 -11.98 -9.72
N ALA B 413 29.69 -12.12 -11.03
CA ALA B 413 28.71 -11.55 -11.91
C ALA B 413 27.38 -12.33 -11.84
N LEU B 414 27.39 -13.59 -11.35
CA LEU B 414 26.13 -14.36 -11.14
C LEU B 414 25.38 -13.85 -9.91
N VAL B 415 26.10 -13.10 -9.04
CA VAL B 415 25.50 -12.40 -7.93
C VAL B 415 25.07 -11.00 -8.37
N SER B 416 25.92 -10.26 -9.10
CA SER B 416 25.61 -8.87 -9.47
C SER B 416 24.38 -8.83 -10.40
N ILE B 417 24.20 -9.85 -11.26
CA ILE B 417 22.99 -9.91 -12.09
C ILE B 417 21.74 -9.83 -11.16
N GLY B 418 21.88 -10.27 -9.90
CA GLY B 418 20.83 -10.12 -8.84
C GLY B 418 19.88 -11.31 -8.77
N PHE B 419 20.18 -12.42 -9.41
CA PHE B 419 19.19 -13.51 -9.41
C PHE B 419 19.28 -14.36 -8.13
N PRO B 420 20.40 -14.28 -7.39
CA PRO B 420 20.36 -14.94 -6.09
C PRO B 420 19.37 -14.25 -5.13
N ASN B 421 19.52 -12.94 -5.08
CA ASN B 421 18.55 -12.04 -4.35
C ASN B 421 17.13 -12.44 -4.74
N LEU B 422 16.84 -12.42 -6.03
CA LEU B 422 15.53 -12.61 -6.48
C LEU B 422 15.10 -14.04 -6.18
N LEU B 423 15.93 -15.08 -6.50
CA LEU B 423 15.48 -16.44 -6.28
C LEU B 423 15.45 -16.76 -4.78
N VAL B 424 16.45 -16.38 -4.04
CA VAL B 424 16.42 -16.68 -2.56
C VAL B 424 15.16 -16.03 -1.97
N THR B 425 14.83 -14.82 -2.44
CA THR B 425 13.61 -14.13 -1.95
C THR B 425 12.39 -14.92 -2.36
N SER B 426 12.36 -15.42 -3.63
CA SER B 426 11.20 -16.18 -4.11
C SER B 426 11.03 -17.50 -3.37
N TYR B 427 12.11 -18.08 -2.92
CA TYR B 427 12.09 -19.30 -2.13
C TYR B 427 11.56 -19.00 -0.71
N LEU B 428 12.13 -17.98 -0.09
CA LEU B 428 11.61 -17.44 1.20
C LEU B 428 10.09 -17.29 1.20
N LEU B 429 9.50 -16.76 0.11
CA LEU B 429 8.10 -16.45 0.11
C LEU B 429 7.22 -17.66 -0.24
N THR B 430 7.79 -18.79 -0.77
CA THR B 430 6.93 -19.87 -1.29
C THR B 430 7.23 -21.26 -0.69
N VAL B 431 8.42 -21.53 -0.20
CA VAL B 431 8.75 -22.87 0.38
C VAL B 431 7.81 -23.23 1.54
N GLU B 432 7.51 -24.54 1.68
CA GLU B 432 6.69 -24.97 2.80
C GLU B 432 7.62 -25.03 4.01
N ASN B 433 7.15 -24.51 5.15
CA ASN B 433 7.91 -24.55 6.41
C ASN B 433 9.31 -23.96 6.26
N PRO B 434 9.43 -22.70 5.86
CA PRO B 434 10.76 -22.08 5.76
C PRO B 434 11.54 -22.06 7.10
N THR B 435 12.85 -22.16 7.03
CA THR B 435 13.71 -22.09 8.22
C THR B 435 15.01 -21.42 7.82
N LYS B 436 15.78 -20.95 8.78
CA LYS B 436 17.05 -20.32 8.47
C LYS B 436 17.95 -21.30 7.69
N GLU B 437 17.92 -22.57 8.09
CA GLU B 437 18.82 -23.59 7.56
C GLU B 437 18.52 -23.79 6.06
N LYS B 438 17.26 -23.95 5.70
CA LYS B 438 16.82 -24.06 4.28
C LYS B 438 17.22 -22.80 3.52
N LEU B 439 17.10 -21.63 4.14
CA LEU B 439 17.46 -20.37 3.47
C LEU B 439 18.97 -20.24 3.30
N ASP B 440 19.74 -20.62 4.31
CA ASP B 440 21.19 -20.66 4.15
C ASP B 440 21.61 -21.64 3.02
N TYR B 441 20.89 -22.73 2.83
CA TYR B 441 21.21 -23.69 1.76
C TYR B 441 20.89 -23.09 0.38
N VAL B 442 19.70 -22.49 0.17
CA VAL B 442 19.45 -21.95 -1.17
C VAL B 442 20.48 -20.86 -1.43
N ASN B 443 20.88 -20.14 -0.39
CA ASN B 443 21.76 -18.98 -0.59
C ASN B 443 23.20 -19.43 -0.78
N SER B 444 23.48 -20.71 -0.46
CA SER B 444 24.79 -21.28 -0.76
C SER B 444 24.92 -21.44 -2.28
N LEU B 445 23.78 -21.51 -2.96
CA LEU B 445 23.71 -21.61 -4.40
C LEU B 445 24.18 -23.01 -4.82
N PRO B 446 23.38 -24.05 -4.53
CA PRO B 446 23.65 -25.39 -5.08
C PRO B 446 23.40 -25.44 -6.60
N LEU B 447 23.77 -26.54 -7.25
CA LEU B 447 23.89 -26.56 -8.71
C LEU B 447 22.64 -25.96 -9.39
N PHE B 448 21.43 -26.40 -9.00
CA PHE B 448 20.23 -26.06 -9.75
C PHE B 448 20.11 -24.54 -9.81
N VAL B 449 20.42 -23.88 -8.67
CA VAL B 449 20.26 -22.44 -8.51
C VAL B 449 21.46 -21.72 -9.14
N ARG B 450 22.62 -22.33 -8.97
CA ARG B 450 23.85 -21.75 -9.45
C ARG B 450 23.79 -21.69 -10.98
N ALA B 451 23.20 -22.73 -11.60
CA ALA B 451 23.04 -22.90 -13.08
C ALA B 451 22.09 -21.86 -13.67
N SER B 452 20.98 -21.62 -12.98
CA SER B 452 20.03 -20.56 -13.43
C SER B 452 20.71 -19.20 -13.35
N CYS B 453 21.35 -18.92 -12.24
CA CYS B 453 22.00 -17.64 -12.03
C CYS B 453 23.10 -17.40 -13.07
N ILE B 454 23.96 -18.38 -13.31
CA ILE B 454 25.01 -18.18 -14.32
C ILE B 454 24.38 -17.91 -15.69
N LEU B 455 23.37 -18.70 -16.02
CA LEU B 455 22.66 -18.55 -17.26
C LEU B 455 22.14 -17.12 -17.38
N CYS B 456 21.49 -16.59 -16.33
CA CYS B 456 20.96 -15.21 -16.40
C CYS B 456 22.09 -14.20 -16.68
N ARG B 457 23.21 -14.31 -15.98
CA ARG B 457 24.28 -13.36 -16.23
C ARG B 457 24.85 -13.62 -17.64
N ILE B 458 25.01 -14.85 -18.07
CA ILE B 458 25.66 -15.03 -19.40
C ILE B 458 24.73 -14.56 -20.53
N ILE B 459 23.41 -14.74 -20.40
CA ILE B 459 22.54 -14.37 -21.51
C ILE B 459 22.57 -12.85 -21.63
N ASN B 460 22.73 -12.18 -20.50
CA ASN B 460 22.77 -10.74 -20.44
C ASN B 460 24.03 -10.22 -21.16
N ASP B 461 25.17 -10.78 -20.80
CA ASP B 461 26.45 -10.38 -21.44
C ASP B 461 26.51 -10.61 -22.94
N LEU B 462 25.82 -11.66 -23.40
CA LEU B 462 25.66 -11.93 -24.85
C LEU B 462 24.86 -10.81 -25.52
N GLY B 463 23.94 -10.14 -24.80
CA GLY B 463 22.92 -9.27 -25.42
C GLY B 463 23.26 -7.78 -25.44
N THR B 464 24.28 -7.32 -24.69
CA THR B 464 24.65 -5.88 -24.60
C THR B 464 24.28 -5.12 -25.88
N LEU B 475 33.62 -5.27 -17.98
CA LEU B 475 34.48 -6.43 -17.83
C LEU B 475 33.70 -7.72 -18.15
N LYS B 476 32.95 -7.70 -19.25
CA LYS B 476 31.88 -8.71 -19.55
C LYS B 476 32.45 -10.14 -19.63
N SER B 477 31.52 -11.10 -19.85
CA SER B 477 31.79 -12.54 -20.12
C SER B 477 32.74 -12.71 -21.32
N ILE B 478 32.28 -12.22 -22.47
CA ILE B 478 33.01 -12.35 -23.74
C ILE B 478 34.37 -11.65 -23.61
N GLN B 479 34.34 -10.43 -23.07
CA GLN B 479 35.52 -9.56 -22.96
C GLN B 479 36.54 -10.14 -21.96
N CYS B 480 36.06 -10.97 -21.03
CA CYS B 480 36.93 -11.64 -20.06
C CYS B 480 37.62 -12.85 -20.69
N TYR B 481 36.83 -13.68 -21.35
CA TYR B 481 37.33 -14.97 -21.88
C TYR B 481 38.31 -14.72 -23.02
N MET B 482 37.96 -13.77 -23.90
CA MET B 482 38.93 -13.16 -24.82
C MET B 482 40.27 -13.00 -24.09
N ASN B 483 40.25 -12.39 -22.90
CA ASN B 483 41.45 -12.25 -22.05
C ASN B 483 41.70 -13.53 -21.23
N GLU B 484 41.43 -14.72 -21.79
CA GLU B 484 41.96 -15.98 -21.25
C GLU B 484 43.09 -16.45 -22.18
N ALA B 485 42.92 -17.59 -22.86
CA ALA B 485 43.96 -18.09 -23.77
C ALA B 485 44.07 -17.19 -25.00
N GLY B 486 43.44 -16.02 -24.98
CA GLY B 486 43.70 -14.96 -25.96
C GLY B 486 42.98 -15.20 -27.27
N ALA B 487 41.67 -14.95 -27.29
CA ALA B 487 40.82 -15.29 -28.45
C ALA B 487 40.25 -14.01 -29.10
N SER B 488 39.47 -14.19 -30.14
CA SER B 488 38.80 -13.07 -30.81
C SER B 488 37.43 -12.83 -30.18
N GLN B 489 36.69 -11.86 -30.73
CA GLN B 489 35.28 -11.63 -30.40
C GLN B 489 34.43 -12.79 -30.91
N GLU B 490 34.71 -13.24 -32.14
CA GLU B 490 33.92 -14.28 -32.81
C GLU B 490 34.02 -15.61 -32.04
N VAL B 491 35.23 -15.99 -31.62
CA VAL B 491 35.44 -17.30 -31.01
C VAL B 491 35.08 -17.24 -29.52
N ALA B 492 35.25 -16.08 -28.89
CA ALA B 492 34.78 -15.89 -27.52
C ALA B 492 33.26 -16.17 -27.50
N ARG B 493 32.52 -15.35 -28.25
CA ARG B 493 31.06 -15.40 -28.27
C ARG B 493 30.56 -16.83 -28.45
N GLU B 494 31.12 -17.53 -29.46
CA GLU B 494 30.73 -18.91 -29.77
C GLU B 494 30.95 -19.82 -28.54
N HIS B 495 31.99 -19.52 -27.77
CA HIS B 495 32.33 -20.30 -26.57
C HIS B 495 31.32 -20.00 -25.43
N ILE B 496 30.84 -18.77 -25.44
CA ILE B 496 29.88 -18.37 -24.43
C ILE B 496 28.52 -19.02 -24.74
N GLU B 497 28.10 -18.92 -26.00
CA GLU B 497 26.86 -19.57 -26.50
C GLU B 497 26.90 -21.06 -26.16
N GLY B 498 28.05 -21.70 -26.41
CA GLY B 498 28.32 -23.05 -25.93
C GLY B 498 28.02 -23.23 -24.45
N LEU B 499 28.47 -22.31 -23.58
CA LEU B 499 28.23 -22.43 -22.12
C LEU B 499 26.72 -22.34 -21.82
N VAL B 500 26.04 -21.46 -22.53
CA VAL B 500 24.59 -21.38 -22.40
C VAL B 500 23.99 -22.77 -22.64
N ARG B 501 24.35 -23.45 -23.74
CA ARG B 501 23.75 -24.76 -24.04
C ARG B 501 24.03 -25.78 -22.93
N MET B 502 25.24 -25.68 -22.33
CA MET B 502 25.79 -26.65 -21.36
C MET B 502 25.02 -26.50 -20.04
N TRP B 503 24.83 -25.25 -19.66
CA TRP B 503 24.20 -25.05 -18.35
C TRP B 503 22.73 -25.46 -18.44
N TRP B 504 22.13 -25.29 -19.61
CA TRP B 504 20.71 -25.70 -19.87
C TRP B 504 20.57 -27.22 -19.75
N LYS B 505 21.57 -27.93 -20.23
CA LYS B 505 21.58 -29.36 -20.07
C LYS B 505 21.67 -29.76 -18.58
N ARG B 506 22.44 -29.04 -17.76
CA ARG B 506 22.59 -29.29 -16.34
C ARG B 506 21.30 -28.96 -15.57
N LEU B 507 20.71 -27.75 -15.83
CA LEU B 507 19.33 -27.42 -15.40
C LEU B 507 18.34 -28.54 -15.74
N ASN B 508 18.35 -29.01 -17.00
CA ASN B 508 17.35 -29.97 -17.48
C ASN B 508 17.46 -31.27 -16.67
N LYS B 509 18.71 -31.74 -16.47
CA LYS B 509 18.94 -32.99 -15.75
C LYS B 509 18.56 -32.83 -14.27
N CYS B 510 18.80 -31.66 -13.66
CA CYS B 510 18.44 -31.40 -12.25
C CYS B 510 16.96 -31.68 -12.01
N LEU B 511 16.09 -31.39 -13.01
CA LEU B 511 14.65 -31.52 -12.80
C LEU B 511 14.27 -33.00 -12.67
N PHE B 512 15.13 -33.90 -13.15
CA PHE B 512 14.93 -35.35 -13.01
C PHE B 512 15.55 -35.86 -11.69
N GLU B 513 16.47 -35.10 -11.09
CA GLU B 513 17.33 -35.57 -9.99
C GLU B 513 16.76 -35.12 -8.64
N PRO B 514 17.11 -35.87 -7.56
CA PRO B 514 16.72 -35.56 -6.19
C PRO B 514 17.13 -34.12 -5.83
N SER B 515 16.25 -33.47 -5.09
CA SER B 515 16.29 -32.04 -4.84
C SER B 515 15.47 -31.73 -3.59
N PRO B 516 15.97 -30.82 -2.72
CA PRO B 516 15.07 -30.36 -1.68
C PRO B 516 13.98 -29.45 -2.27
N PHE B 517 14.12 -29.06 -3.54
CA PHE B 517 13.20 -28.06 -4.15
C PHE B 517 11.91 -28.68 -4.72
N ALA B 518 10.84 -27.87 -4.70
CA ALA B 518 9.55 -28.23 -5.21
C ALA B 518 8.99 -27.05 -6.04
N GLU B 519 7.81 -27.24 -6.56
CA GLU B 519 7.04 -26.16 -7.18
C GLU B 519 6.56 -25.22 -6.06
N PRO B 520 6.49 -23.93 -6.30
CA PRO B 520 6.78 -23.25 -7.60
C PRO B 520 8.24 -22.85 -7.83
N PHE B 521 9.13 -22.98 -6.86
CA PHE B 521 10.49 -22.52 -6.99
C PHE B 521 11.23 -23.23 -8.14
N LEU B 522 10.86 -24.48 -8.40
CA LEU B 522 11.47 -25.20 -9.57
C LEU B 522 11.20 -24.42 -10.85
N SER B 523 9.93 -24.05 -11.04
CA SER B 523 9.52 -23.23 -12.16
C SER B 523 10.20 -21.87 -12.12
N PHE B 524 10.24 -21.20 -10.94
CA PHE B 524 10.85 -19.86 -10.89
C PHE B 524 12.29 -19.91 -11.42
N THR B 525 13.03 -20.95 -11.06
CA THR B 525 14.47 -21.02 -11.34
C THR B 525 14.73 -21.23 -12.85
N VAL B 526 13.88 -22.03 -13.51
CA VAL B 526 13.99 -22.22 -14.99
C VAL B 526 13.45 -20.98 -15.69
N ASN B 527 12.37 -20.41 -15.17
CA ASN B 527 11.65 -19.38 -15.95
C ASN B 527 12.39 -18.02 -15.92
N VAL B 528 13.22 -17.74 -14.91
CA VAL B 528 14.07 -16.51 -14.95
C VAL B 528 14.96 -16.56 -16.19
N VAL B 529 15.40 -17.76 -16.54
CA VAL B 529 16.36 -17.90 -17.61
C VAL B 529 15.63 -17.56 -18.93
N ARG B 530 14.41 -18.10 -19.09
CA ARG B 530 13.57 -17.82 -20.23
C ARG B 530 13.32 -16.32 -20.34
N GLY B 531 12.99 -15.67 -19.21
CA GLY B 531 12.88 -14.22 -19.17
C GLY B 531 14.14 -13.55 -19.71
N SER B 532 15.30 -14.06 -19.30
CA SER B 532 16.59 -13.56 -19.79
C SER B 532 16.71 -13.74 -21.32
N HIS B 533 16.52 -14.95 -21.84
CA HIS B 533 16.53 -15.22 -23.32
C HIS B 533 15.68 -14.18 -24.03
N PHE B 534 14.45 -14.04 -23.59
CA PHE B 534 13.47 -13.20 -24.31
C PHE B 534 13.77 -11.69 -24.25
N PHE B 535 14.22 -11.18 -23.12
CA PHE B 535 14.38 -9.70 -23.02
C PHE B 535 15.83 -9.23 -23.23
N TYR B 536 16.84 -10.05 -23.11
CA TYR B 536 18.22 -9.52 -23.21
C TYR B 536 18.63 -9.30 -24.66
N GLN B 537 17.96 -9.94 -25.58
CA GLN B 537 18.25 -9.75 -27.02
C GLN B 537 18.02 -8.28 -27.38
N TYR B 538 16.97 -7.65 -26.86
CA TYR B 538 16.61 -6.24 -27.16
C TYR B 538 16.69 -5.38 -25.89
N GLY B 539 17.78 -5.36 -25.18
CA GLY B 539 17.85 -4.57 -23.92
C GLY B 539 18.30 -3.13 -24.12
N ASP B 540 18.69 -2.76 -25.34
CA ASP B 540 19.47 -1.53 -25.57
C ASP B 540 18.87 -0.23 -25.03
N GLY B 541 17.55 -0.06 -25.12
CA GLY B 541 16.85 1.11 -24.51
C GLY B 541 16.71 2.30 -25.46
N TYR B 542 16.86 2.03 -26.75
CA TYR B 542 16.56 3.00 -27.80
C TYR B 542 16.26 2.21 -29.09
N GLY B 543 15.81 2.93 -30.10
CA GLY B 543 15.65 2.37 -31.43
C GLY B 543 14.75 1.14 -31.45
N ASN B 544 15.24 0.12 -32.15
CA ASN B 544 14.45 -1.07 -32.44
C ASN B 544 14.21 -1.84 -31.13
N ALA B 545 15.19 -1.82 -30.25
CA ALA B 545 15.12 -2.60 -29.02
C ALA B 545 13.99 -2.05 -28.13
N GLU B 546 13.93 -0.72 -27.98
CA GLU B 546 12.88 -0.13 -27.20
C GLU B 546 11.51 -0.30 -27.84
N SER B 547 11.37 -0.13 -29.16
CA SER B 547 10.00 -0.31 -29.73
C SER B 547 9.56 -1.78 -29.63
N TRP B 548 10.51 -2.73 -29.74
CA TRP B 548 10.11 -4.17 -29.56
C TRP B 548 9.62 -4.39 -28.12
N THR B 549 10.35 -3.84 -27.17
CA THR B 549 10.01 -4.04 -25.74
C THR B 549 8.65 -3.41 -25.44
N LYS B 550 8.51 -2.17 -25.90
CA LYS B 550 7.25 -1.47 -25.74
C LYS B 550 6.09 -2.26 -26.33
N LYS B 551 6.34 -2.90 -27.47
CA LYS B 551 5.29 -3.69 -28.13
C LYS B 551 4.95 -4.95 -27.33
N GLN B 552 5.95 -5.61 -26.76
CA GLN B 552 5.67 -6.78 -25.88
C GLN B 552 4.79 -6.30 -24.71
N GLY B 553 5.21 -5.18 -24.17
CA GLY B 553 4.52 -4.59 -23.02
C GLY B 553 3.05 -4.38 -23.30
N MET B 554 2.81 -3.71 -24.44
CA MET B 554 1.50 -3.30 -24.89
C MET B 554 0.66 -4.52 -25.23
N SER B 555 1.21 -5.51 -25.98
CA SER B 555 0.37 -6.65 -26.39
C SER B 555 0.05 -7.54 -25.18
N VAL B 556 0.96 -7.69 -24.23
CA VAL B 556 0.72 -8.67 -23.13
C VAL B 556 0.13 -8.03 -21.87
N LEU B 557 0.47 -6.79 -21.56
CA LEU B 557 -0.05 -6.17 -20.32
C LEU B 557 -1.22 -5.20 -20.57
N ILE B 558 -1.36 -4.57 -21.74
CA ILE B 558 -2.29 -3.42 -21.87
C ILE B 558 -3.53 -3.79 -22.68
N HIS B 559 -3.28 -4.23 -23.93
CA HIS B 559 -4.29 -4.41 -24.93
C HIS B 559 -4.95 -5.78 -24.76
N PRO B 560 -6.24 -5.78 -24.46
CA PRO B 560 -6.90 -7.06 -24.36
C PRO B 560 -7.05 -7.67 -25.77
N ILE B 561 -7.33 -8.96 -25.81
CA ILE B 561 -7.51 -9.66 -27.05
C ILE B 561 -8.95 -9.50 -27.47
N PRO B 562 -9.18 -9.11 -28.71
CA PRO B 562 -10.53 -8.96 -29.19
C PRO B 562 -11.27 -10.25 -29.10
N LEU B 563 -12.46 -10.27 -28.54
CA LEU B 563 -13.21 -11.50 -28.46
C LEU B 563 -14.30 -11.53 -29.54
N ASN B 564 -14.90 -12.71 -29.72
CA ASN B 564 -15.95 -13.01 -30.71
C ASN B 564 -16.65 -11.88 -31.42
#